data_6R93
#
_entry.id   6R93
#
_cell.length_a   1.0
_cell.length_b   1.0
_cell.length_c   1.0
_cell.angle_alpha   90.00
_cell.angle_beta   90.00
_cell.angle_gamma   90.00
#
_symmetry.space_group_name_H-M   'P 1'
#
loop_
_entity.id
_entity.type
_entity.pdbx_description
1 polymer 'Human alpha-satellite DNA (145-MER)'
2 polymer 'Human alpha-satellite DNA (145-MER) with a 6-4PP at positions 95-96'
3 polymer 'Histone H3.1'
4 polymer 'Histone H4'
5 polymer 'Histone H2A type 1-B/E'
6 polymer 'Histone H2B type 1-J'
#
loop_
_entity_poly.entity_id
_entity_poly.type
_entity_poly.pdbx_seq_one_letter_code
_entity_poly.pdbx_strand_id
1 'polydeoxyribonucleotide'
;(DA)(DT)(DC)(DA)(DA)(DT)(DA)(DT)(DC)(DC)(DA)(DC)(DC)(DT)(DG)(DC)(DA)(DG)(DA)(DT)
(DT)(DC)(DT)(DA)(DC)(DC)(DA)(DA)(DA)(DA)(DG)(DT)(DG)(DT)(DA)(DT)(DT)(DT)(DG)(DG)
(DA)(DA)(DA)(DC)(DT)(DG)(DC)(DT)(DC)(DA)(DA)(DC)(DC)(DA)(DA)(DA)(DA)(DG)(DG)(DC)
(DA)(DT)(DG)(DT)(DT)(DC)(DA)(DG)(DC)(DT)(DG)(DG)(DT)(DT)(DC)(DA)(DG)(DC)(DT)(DG)
(DA)(DA)(DC)(DA)(DT)(DG)(DC)(DC)(DT)(DT)(DT)(DT)(DG)(DA)(DT)(DG)(DG)(DA)(DG)(DC)
(DA)(DG)(DT)(DT)(DT)(DC)(DC)(DA)(DA)(DA)(DT)(DA)(DC)(DA)(DC)(DT)(DT)(DT)(DT)(DG)
(DG)(DT)(DA)(DG)(DA)(DA)(DT)(DC)(DT)(DG)(DC)(DA)(DG)(DG)(DT)(DG)(DG)(DA)(DT)(DA)
(DT)(DT)(DG)(DA)(DT)
;
I
2 'polydeoxyribonucleotide'
;(DA)(DT)(DC)(DA)(DA)(DT)(DA)(DT)(DC)(DC)(DA)(DC)(DC)(DT)(DG)(DC)(DA)(DG)(DA)(DT)
(DT)(DC)(DT)(DA)(DC)(DC)(DA)(DA)(DA)(DA)(DG)(DT)(DG)(DT)(DA)(DT)(DT)(DT)(DG)(DG)
(DA)(DA)(DA)(DC)(DT)(DG)(DC)(DT)(DC)(DC)(DA)(DT)(DC)(DA)(DA)(DA)(DA)(DG)(DG)(DC)
(DA)(DT)(DG)(DT)(DT)(DC)(DA)(DG)(DC)(DT)(DG)(DA)(DA)(DC)(DC)(DA)(DG)(DC)(DT)(DG)
(DA)(DA)(DC)(DA)(DT)(DG)(DC)(DC)(DT)(DT)(DT)(DT)(DG)(DA)(T64)(DG)(DG)(DA)(DG)
(DC)(DA)(DG)(DT)(DT)(DT)(DC)(DC)(DA)(DA)(DA)(DT)(DA)(DC)(DA)(DC)(DT)(DT)(DT)(DT)
(DG)(DG)(DT)(DA)(DG)(DA)(DA)(DT)(DC)(DT)(DG)(DC)(DA)(DG)(DG)(DT)(DG)(DG)(DA)(DT)
(DA)(DT)(DT)(DG)(DA)(DT)
;
J
3 'polypeptide(L)'
;GSHMARTKQTARKSTGGKAPRKQLATKAARKSAPATGGVKKPHRYRPGTVALREIRRYQKSTELLIRKLPFQRLVREIAQ
DFKTDLRFQSSAVMALQEACEAYLVGLFEDTNLCAIHAKRVTIMPKDIQLARRIRGERA
;
A,E
4 'polypeptide(L)'
;GSHMSGRGKGGKGLGKGGAKRHRKVLRDNIQGITKPAIRRLARRGGVKRISGLIYEETRGVLKVFLENVIRDAVTYTEHA
KRKTVTAMDVVYALKRQGRTLYGFGG
;
B,F
5 'polypeptide(L)'
;GSHMSGRGKQGGKARAKAKTRSSRAGLQFPVGRVHRLLRKGNYSERVGAGAPVYLAAVLEYLTAEILELAGNAARDNKKT
RIIPRHLQLAIRNDEELNKLLGRVTIAQGGVLPNIQAVLLPKKTESHHKAKGK
;
C,G
6 'polypeptide(L)'
;GSHMPEPAKSAPAPKKGSKKAVTKAQKKDGKKRKRSRKESYSIYVYKVLKQVHPDTGISSKAMGIMNSFVNDIFERIAGE
ASRLAHYNKRSTITSREIQTAVRLLLPGELAKHAVSEGTKAVTKYTSAK
;
D,H
#
loop_
_chem_comp.id
_chem_comp.type
_chem_comp.name
_chem_comp.formula
DA DNA linking 2'-DEOXYADENOSINE-5'-MONOPHOSPHATE 'C10 H14 N5 O6 P'
DC DNA linking 2'-DEOXYCYTIDINE-5'-MONOPHOSPHATE 'C9 H14 N3 O7 P'
DG DNA linking 2'-DEOXYGUANOSINE-5'-MONOPHOSPHATE 'C10 H14 N5 O7 P'
DT DNA linking THYMIDINE-5'-MONOPHOSPHATE 'C10 H15 N2 O8 P'
T64 DNA linking (6-4)photoproduct 'C20 H28 N4 O15 P2'
#
# COMPACT_ATOMS: atom_id res chain seq x y z
P T64 A 95 -28.58 -37.41 12.63
N1 T64 A 95 -24.34 -37.23 8.77
C2 T64 A 95 -24.29 -36.40 7.51
O2 T64 A 95 -25.12 -36.53 6.71
N3 T64 A 95 -23.19 -35.40 7.18
C4 T64 A 95 -22.08 -35.17 8.10
O4 T64 A 95 -21.23 -34.38 7.86
C5 T64 A 95 -22.12 -35.93 9.41
C6 T64 A 95 -23.17 -37.02 9.68
PB T64 A 95 -26.11 -42.80 10.65
C1' T64 A 95 -25.52 -38.19 8.96
C1R T64 A 95 -21.99 -42.72 8.14
N1T T64 A 95 -22.26 -41.40 8.52
C2' T64 A 95 -25.59 -39.66 8.67
C2R T64 A 95 -20.82 -43.14 8.96
C2T T64 A 95 -22.17 -40.26 7.54
O2T T64 A 95 -21.90 -40.47 6.41
C3' T64 A 95 -21.30 -44.24 9.89
O3' T64 A 95 -20.52 -45.46 9.84
C3R T64 A 95 -26.02 -40.33 9.93
O3R T64 A 95 -26.76 -41.52 9.74
N3T T64 A 95 -22.48 -38.89 7.96
C4' T64 A 95 -22.77 -44.48 9.51
O4' T64 A 95 -26.01 -38.03 10.31
O4P T64 A 95 -25.81 -42.31 12.05
C4R T64 A 95 -26.81 -39.20 10.60
O4R T64 A 95 -23.05 -43.65 8.40
C4T T64 A 95 -22.75 -38.51 9.32
O4T T64 A 95 -21.18 -36.81 8.86
C5' T64 A 95 -26.95 -39.37 12.06
O5' T64 A 95 -27.09 -38.11 12.64
C5A T64 A 95 -20.96 -35.73 10.52
C5M T64 A 95 -23.27 -39.18 11.77
O5P T64 A 95 -27.00 -44.00 10.83
C5R T64 A 95 -23.83 -44.07 10.51
O5R T64 A 95 -24.65 -43.08 9.90
C5T T64 A 95 -22.88 -39.53 10.33
C6T T64 A 95 -22.64 -40.94 9.96
OP1 T64 A 95 -29.64 -38.44 12.93
OP2 T64 A 95 -28.64 -36.31 13.65
HN3 T64 A 95 -23.23 -34.97 6.43
H6 T64 A 95 -23.49 -36.93 10.58
H1' T64 A 95 -26.20 -37.86 8.37
H1R T64 A 95 -21.76 -42.76 7.20
H2' T64 A 95 -24.77 -40.06 8.36
H2'A T64 A 95 -26.27 -39.83 8.00
H2R T64 A 95 -20.45 -42.41 9.48
H2RA T64 A 95 -20.19 -43.33 8.27
H3' T64 A 95 -21.25 -43.90 10.80
H3R T64 A 95 -25.29 -40.56 10.48
H4' T64 A 95 -22.88 -45.41 9.26
H4R T64 A 95 -27.69 -39.11 10.19
HO4T T64 A 95 -20.51 -36.39 8.54
H5' T64 A 95 -26.15 -39.79 12.43
H5'A T64 A 95 -27.72 -39.92 12.26
H5A T64 A 95 -21.37 -35.39 11.33
H5AA T64 A 95 -20.53 -36.58 10.70
H5AB T64 A 95 -20.32 -35.08 10.20
H5M T64 A 95 -23.32 -40.01 12.31
H5MA T64 A 95 -22.59 -38.60 12.15
H5MB T64 A 95 -24.12 -38.75 11.79
H5R T64 A 95 -24.38 -44.85 10.75
H5RA T64 A 95 -23.43 -43.71 11.33
H6T T64 A 95 -22.69 -41.59 10.62
P T64 B 95 35.98 34.33 -4.31
N1 T64 B 95 31.68 32.90 -0.94
C2 T64 B 95 30.38 32.22 -1.32
O2 T64 B 95 29.62 32.79 -2.01
N3 T64 B 95 30.01 30.83 -0.82
C4 T64 B 95 30.90 30.06 0.06
O4 T64 B 95 30.62 28.98 0.44
C5 T64 B 95 32.24 30.68 0.39
C6 T64 B 95 32.57 32.13 -0.03
PB T64 B 95 34.49 37.96 0.57
C1' T64 B 95 32.02 34.26 -1.50
C1R T64 B 95 31.91 36.18 4.43
N1T T64 B 95 32.10 35.23 3.39
C2' T64 B 95 31.97 35.55 -0.77
C2R T64 B 95 32.84 35.91 5.57
C2T T64 B 95 30.95 34.56 2.69
O2T T64 B 95 29.84 34.83 3.01
C3' T64 B 95 34.01 36.82 5.39
O3' T64 B 95 34.29 37.43 6.61
C3R T64 B 95 33.36 36.04 -0.70
O3R T64 B 95 33.45 37.44 -0.66
N3T T64 B 95 31.14 33.57 1.62
C4' T64 B 95 33.58 37.85 4.34
O4' T64 B 95 33.36 34.14 -2.03
O4P T64 B 95 35.72 37.08 0.58
C4R T64 B 95 33.98 35.45 -1.96
O4R T64 B 95 32.26 37.49 3.95
C4T T64 B 95 32.45 33.16 1.19
O4T T64 B 95 31.67 31.01 1.62
C5' T64 B 95 35.44 35.30 -1.92
O5' T64 B 95 35.77 34.17 -2.68
C5A T64 B 95 33.31 29.90 1.33
C5M T64 B 95 35.04 33.38 1.32
O5P T64 B 95 35.00 39.37 0.46
C5R T64 B 95 34.43 37.88 3.08
O5R T64 B 95 33.63 37.59 1.94
C5T T64 B 95 33.64 33.75 1.79
C6T T64 B 95 33.49 34.76 2.85
OP1 T64 B 95 37.04 35.36 -4.58
OP2 T64 B 95 36.39 33.00 -4.91
HN3 T64 B 95 29.26 30.50 -1.06
H6 T64 B 95 33.46 32.15 -0.39
H1' T64 B 95 31.42 34.39 -2.26
H1R T64 B 95 31.00 36.18 4.74
H2' T64 B 95 31.59 35.50 0.10
H2'A T64 B 95 31.46 36.17 -1.30
H2R T64 B 95 32.37 36.14 6.37
H2RA T64 B 95 33.11 34.98 5.59
H3' T64 B 95 34.78 36.31 5.09
H3R T64 B 95 33.80 35.70 0.07
H4' T64 B 95 33.57 38.72 4.74
H4R T64 B 95 33.72 35.99 -2.72
HO4T T64 B 95 31.37 30.33 2.04
H5' T64 B 95 35.74 35.18 -1.01
H5'A T64 B 95 35.86 36.09 -2.31
H5A T64 B 95 32.97 29.03 1.56
H5AA T64 B 95 33.48 30.41 2.13
H5AB T64 B 95 34.13 29.79 0.83
H5M T64 B 95 35.68 34.01 1.69
H5MA T64 B 95 35.26 32.49 1.61
H5MB T64 B 95 35.08 33.43 0.35
H5R T64 B 95 35.16 37.25 3.11
H5RA T64 B 95 34.79 38.78 2.97
H6T T64 B 95 34.26 35.11 3.22
N LYS C 41 3.01 39.20 -43.35
CA LYS C 41 2.22 38.79 -42.19
C LYS C 41 2.95 37.64 -41.48
N PRO C 42 3.00 37.64 -40.15
CA PRO C 42 3.80 36.61 -39.47
C PRO C 42 3.22 35.20 -39.65
N HIS C 43 4.14 34.24 -39.72
CA HIS C 43 3.76 32.84 -39.87
C HIS C 43 3.05 32.44 -38.59
N ARG C 44 2.02 31.61 -38.71
CA ARG C 44 1.24 31.23 -37.54
C ARG C 44 0.75 29.79 -37.57
N TYR C 45 1.18 29.02 -36.56
CA TYR C 45 0.76 27.65 -36.35
C TYR C 45 -0.62 27.60 -35.71
N ARG C 46 -1.40 26.60 -36.08
CA ARG C 46 -2.74 26.47 -35.50
C ARG C 46 -2.65 25.98 -34.06
N PRO C 47 -3.67 26.28 -33.24
CA PRO C 47 -3.66 25.81 -31.85
C PRO C 47 -3.61 24.30 -31.70
N GLY C 48 -2.64 23.83 -30.92
CA GLY C 48 -2.40 22.42 -30.67
C GLY C 48 -1.08 21.87 -31.20
N THR C 49 -0.61 22.38 -32.34
CA THR C 49 0.62 21.88 -32.94
C THR C 49 1.83 22.09 -32.03
N VAL C 50 1.95 23.30 -31.48
CA VAL C 50 3.09 23.64 -30.62
C VAL C 50 2.97 22.91 -29.28
N ALA C 51 1.75 22.75 -28.76
CA ALA C 51 1.56 21.98 -27.54
C ALA C 51 2.12 20.58 -27.71
N LEU C 52 1.79 19.94 -28.84
CA LEU C 52 2.33 18.63 -29.14
C LEU C 52 3.86 18.67 -29.24
N ARG C 53 4.42 19.74 -29.80
CA ARG C 53 5.87 19.82 -29.86
C ARG C 53 6.46 19.88 -28.45
N GLU C 54 5.81 20.59 -27.55
CA GLU C 54 6.29 20.66 -26.18
C GLU C 54 6.16 19.33 -25.48
N ILE C 55 5.07 18.60 -25.77
CA ILE C 55 4.92 17.27 -25.16
C ILE C 55 6.07 16.37 -25.56
N ARG C 56 6.34 16.26 -26.87
CA ARG C 56 7.44 15.41 -27.30
C ARG C 56 8.78 15.86 -26.74
N ARG C 57 9.01 17.17 -26.70
CA ARG C 57 10.27 17.69 -26.18
C ARG C 57 10.42 17.34 -24.71
N TYR C 58 9.40 17.61 -23.89
CA TYR C 58 9.57 17.39 -22.46
C TYR C 58 9.51 15.91 -22.10
N GLN C 59 8.89 15.06 -22.94
CA GLN C 59 8.90 13.64 -22.65
C GLN C 59 10.19 12.98 -23.07
N LYS C 60 10.99 13.67 -23.89
CA LYS C 60 12.28 13.14 -24.31
C LYS C 60 13.39 13.46 -23.32
N SER C 61 13.25 14.54 -22.59
CA SER C 61 14.25 15.03 -21.65
C SER C 61 13.78 14.69 -20.23
N THR C 62 14.69 14.88 -19.28
CA THR C 62 14.43 14.53 -17.89
C THR C 62 14.67 15.68 -16.94
N GLU C 63 15.14 16.83 -17.41
CA GLU C 63 15.43 17.92 -16.51
C GLU C 63 14.17 18.40 -15.80
N LEU C 64 14.36 18.91 -14.58
CA LEU C 64 13.27 19.41 -13.77
C LEU C 64 12.64 20.68 -14.32
N LEU C 65 11.30 20.73 -14.25
CA LEU C 65 10.54 21.80 -14.85
C LEU C 65 10.12 22.92 -13.90
N ILE C 66 10.19 22.71 -12.59
CA ILE C 66 9.89 23.75 -11.63
C ILE C 66 11.16 24.45 -11.20
N ARG C 67 11.04 25.75 -10.92
CA ARG C 67 12.18 26.53 -10.47
C ARG C 67 12.59 26.15 -9.06
N LYS C 68 13.90 26.09 -8.84
CA LYS C 68 14.44 25.63 -7.57
C LYS C 68 14.13 26.56 -6.41
N LEU C 69 14.36 27.87 -6.58
CA LEU C 69 14.19 28.85 -5.51
C LEU C 69 12.78 28.97 -4.93
N PRO C 70 11.71 29.16 -5.72
CA PRO C 70 10.38 29.22 -5.09
C PRO C 70 9.98 27.94 -4.42
N PHE C 71 10.47 26.82 -4.92
CA PHE C 71 10.18 25.56 -4.28
C PHE C 71 10.83 25.55 -2.90
N GLN C 72 12.10 25.96 -2.80
CA GLN C 72 12.76 25.99 -1.49
C GLN C 72 12.00 26.92 -0.54
N ARG C 73 11.52 28.06 -1.05
CA ARG C 73 10.81 29.00 -0.19
C ARG C 73 9.50 28.40 0.30
N LEU C 74 8.77 27.70 -0.58
CA LEU C 74 7.54 27.06 -0.16
C LEU C 74 7.79 26.01 0.92
N VAL C 75 8.80 25.18 0.69
CA VAL C 75 9.15 24.15 1.68
C VAL C 75 9.46 24.79 3.02
N ARG C 76 10.26 25.86 3.01
CA ARG C 76 10.64 26.50 4.26
C ARG C 76 9.45 27.13 4.98
N GLU C 77 8.53 27.74 4.23
CA GLU C 77 7.35 28.33 4.85
C GLU C 77 6.47 27.27 5.50
N ILE C 78 6.22 26.16 4.80
CA ILE C 78 5.41 25.09 5.38
C ILE C 78 6.09 24.52 6.61
N ALA C 79 7.39 24.24 6.51
CA ALA C 79 8.12 23.68 7.62
C ALA C 79 8.08 24.61 8.83
N GLN C 80 8.09 25.92 8.60
CA GLN C 80 8.02 26.89 9.70
C GLN C 80 6.81 26.70 10.59
N ASP C 81 5.65 26.36 10.03
CA ASP C 81 4.46 26.20 10.86
C ASP C 81 4.51 24.95 11.73
N PHE C 82 5.39 23.99 11.45
CA PHE C 82 5.51 22.82 12.33
C PHE C 82 6.65 22.99 13.32
N LYS C 83 7.83 23.39 12.85
CA LYS C 83 8.96 23.62 13.73
C LYS C 83 9.72 24.83 13.23
N THR C 84 10.17 25.64 14.17
CA THR C 84 10.85 26.90 13.88
C THR C 84 12.33 26.68 13.61
N ASP C 85 12.90 27.61 12.84
CA ASP C 85 14.34 27.70 12.50
C ASP C 85 14.91 26.42 11.88
N LEU C 86 14.10 25.71 11.10
CA LEU C 86 14.60 24.52 10.44
C LEU C 86 15.47 24.86 9.24
N ARG C 87 16.43 23.98 8.97
CA ARG C 87 17.27 24.03 7.79
C ARG C 87 16.96 22.83 6.91
N PHE C 88 17.42 22.90 5.66
CA PHE C 88 17.20 21.83 4.70
C PHE C 88 18.43 21.54 3.88
N GLN C 89 18.74 20.26 3.68
CA GLN C 89 19.79 19.91 2.75
C GLN C 89 19.29 20.09 1.33
N SER C 90 20.19 20.48 0.44
CA SER C 90 19.81 20.71 -0.94
C SER C 90 19.28 19.43 -1.60
N SER C 91 19.86 18.28 -1.28
CA SER C 91 19.36 17.04 -1.85
C SER C 91 17.98 16.67 -1.31
N ALA C 92 17.61 17.18 -0.13
CA ALA C 92 16.25 16.94 0.37
C ALA C 92 15.24 17.68 -0.48
N VAL C 93 15.61 18.87 -0.92
CA VAL C 93 14.74 19.67 -1.74
C VAL C 93 14.66 19.09 -3.14
N MET C 94 15.77 18.56 -3.64
CA MET C 94 15.71 17.93 -4.95
C MET C 94 14.83 16.68 -4.89
N ALA C 95 14.91 15.94 -3.78
CA ALA C 95 14.07 14.76 -3.61
C ALA C 95 12.59 15.12 -3.56
N LEU C 96 12.25 16.18 -2.83
CA LEU C 96 10.87 16.62 -2.75
C LEU C 96 10.36 17.09 -4.09
N GLN C 97 11.23 17.74 -4.85
CA GLN C 97 10.80 18.25 -6.15
C GLN C 97 10.54 17.10 -7.10
N GLU C 98 11.43 16.10 -7.11
CA GLU C 98 11.22 14.90 -7.92
C GLU C 98 9.93 14.19 -7.53
N ALA C 99 9.69 14.02 -6.22
CA ALA C 99 8.46 13.36 -5.76
C ALA C 99 7.22 14.12 -6.19
N CYS C 100 7.23 15.44 -6.00
CA CYS C 100 6.09 16.27 -6.36
C CYS C 100 5.82 16.17 -7.84
N GLU C 101 6.88 16.27 -8.64
CA GLU C 101 6.69 16.25 -10.07
C GLU C 101 6.20 14.89 -10.56
N ALA C 102 6.71 13.79 -9.99
CA ALA C 102 6.22 12.47 -10.38
C ALA C 102 4.76 12.28 -9.98
N TYR C 103 4.38 12.83 -8.83
CA TYR C 103 3.00 12.72 -8.37
C TYR C 103 2.07 13.49 -9.29
N LEU C 104 2.43 14.74 -9.61
CA LEU C 104 1.60 15.55 -10.49
C LEU C 104 1.48 14.99 -11.89
N VAL C 105 2.59 14.52 -12.49
CA VAL C 105 2.47 13.91 -13.81
C VAL C 105 1.52 12.74 -13.77
N GLY C 106 1.63 11.88 -12.75
CA GLY C 106 0.69 10.76 -12.67
C GLY C 106 -0.75 11.23 -12.57
N LEU C 107 -0.97 12.30 -11.81
CA LEU C 107 -2.34 12.82 -11.69
C LEU C 107 -2.82 13.43 -12.98
N PHE C 108 -1.97 14.11 -13.73
CA PHE C 108 -2.40 14.66 -15.00
C PHE C 108 -2.69 13.55 -16.00
N GLU C 109 -1.98 12.44 -15.89
CA GLU C 109 -2.26 11.29 -16.76
C GLU C 109 -3.65 10.73 -16.46
N ASP C 110 -3.96 10.56 -15.18
CA ASP C 110 -5.29 10.03 -14.82
C ASP C 110 -6.38 11.03 -15.19
N THR C 111 -6.14 12.31 -14.94
CA THR C 111 -7.06 13.36 -15.32
C THR C 111 -7.33 13.36 -16.80
N ASN C 112 -6.29 13.21 -17.61
CA ASN C 112 -6.48 13.21 -19.05
C ASN C 112 -7.34 12.04 -19.48
N LEU C 113 -7.16 10.88 -18.85
CA LEU C 113 -8.00 9.75 -19.21
C LEU C 113 -9.45 10.00 -18.82
N CYS C 114 -9.69 10.67 -17.68
CA CYS C 114 -11.05 10.98 -17.28
C CYS C 114 -11.69 12.01 -18.23
N ALA C 115 -10.90 12.99 -18.66
CA ALA C 115 -11.40 14.00 -19.60
C ALA C 115 -11.77 13.36 -20.91
N ILE C 116 -10.88 12.52 -21.44
CA ILE C 116 -11.14 11.84 -22.70
C ILE C 116 -12.36 10.96 -22.56
N HIS C 117 -12.55 10.37 -21.39
CA HIS C 117 -13.72 9.54 -21.13
C HIS C 117 -15.04 10.30 -21.30
N ALA C 118 -15.09 11.57 -20.87
CA ALA C 118 -16.27 12.42 -21.01
C ALA C 118 -16.41 13.07 -22.39
N LYS C 119 -15.73 12.53 -23.40
CA LYS C 119 -15.76 13.07 -24.76
C LYS C 119 -15.28 14.50 -24.82
N ARG C 120 -14.38 14.87 -23.93
CA ARG C 120 -13.76 16.18 -23.91
C ARG C 120 -12.26 16.04 -24.13
N VAL C 121 -11.63 17.16 -24.45
CA VAL C 121 -10.18 17.24 -24.55
C VAL C 121 -9.60 18.24 -23.56
N THR C 122 -10.43 18.91 -22.79
CA THR C 122 -10.01 19.92 -21.83
C THR C 122 -10.17 19.34 -20.44
N ILE C 123 -9.12 19.38 -19.68
CA ILE C 123 -9.19 18.89 -18.33
C ILE C 123 -9.80 19.98 -17.46
N MET C 124 -10.61 19.57 -16.49
CA MET C 124 -11.32 20.47 -15.61
C MET C 124 -11.14 20.02 -14.18
N PRO C 125 -11.37 20.90 -13.21
CA PRO C 125 -11.26 20.52 -11.80
C PRO C 125 -11.98 19.26 -11.38
N LYS C 126 -13.18 19.03 -11.92
CA LYS C 126 -13.92 17.83 -11.58
C LYS C 126 -13.21 16.55 -12.00
N ASP C 127 -12.38 16.60 -13.05
CA ASP C 127 -11.61 15.42 -13.42
C ASP C 127 -10.53 15.14 -12.38
N ILE C 128 -9.85 16.18 -11.93
CA ILE C 128 -8.83 16.04 -10.89
C ILE C 128 -9.47 15.51 -9.62
N GLN C 129 -10.64 16.06 -9.27
CA GLN C 129 -11.32 15.63 -8.06
C GLN C 129 -11.70 14.16 -8.17
N LEU C 130 -12.08 13.74 -9.38
CA LEU C 130 -12.44 12.35 -9.59
C LEU C 130 -11.22 11.43 -9.44
N ALA C 131 -10.11 11.79 -10.09
CA ALA C 131 -8.89 10.98 -9.99
C ALA C 131 -8.43 10.84 -8.55
N ARG C 132 -8.42 11.94 -7.82
CA ARG C 132 -7.98 11.90 -6.44
C ARG C 132 -8.95 11.16 -5.54
N ARG C 133 -10.24 11.25 -5.82
CA ARG C 133 -11.22 10.50 -5.07
C ARG C 133 -11.07 9.00 -5.30
N ILE C 134 -10.85 8.57 -6.54
CA ILE C 134 -10.72 7.15 -6.79
C ILE C 134 -9.42 6.59 -6.22
N ARG C 135 -8.32 7.36 -6.25
CA ARG C 135 -7.12 6.85 -5.60
C ARG C 135 -7.24 6.83 -4.08
N GLY C 136 -8.22 7.54 -3.52
CA GLY C 136 -8.37 7.65 -2.09
C GLY C 136 -7.62 8.81 -1.48
N GLU C 137 -7.22 9.79 -2.29
CA GLU C 137 -6.53 10.99 -1.80
C GLU C 137 -7.60 12.00 -1.40
N ARG C 138 -8.11 11.80 -0.18
CA ARG C 138 -9.43 12.31 0.20
C ARG C 138 -9.50 13.79 0.58
N ALA C 139 -8.33 14.42 0.88
CA ALA C 139 -8.19 15.90 1.26
C ALA C 139 -9.39 16.82 1.50
N VAL D 25 6.31 37.94 -2.53
CA VAL D 25 6.25 38.07 -3.98
C VAL D 25 4.95 37.41 -4.48
N LEU D 26 3.91 38.26 -4.55
CA LEU D 26 2.56 37.94 -5.01
C LEU D 26 1.77 37.03 -4.05
N ARG D 27 2.44 36.20 -3.27
CA ARG D 27 1.88 35.64 -2.04
C ARG D 27 2.96 35.24 -1.03
N ASP D 28 4.24 35.41 -1.36
CA ASP D 28 5.34 34.81 -0.58
C ASP D 28 5.21 33.29 -0.50
N ASN D 29 4.66 32.66 -1.53
CA ASN D 29 4.03 31.34 -1.39
C ASN D 29 4.10 30.52 -2.67
N ILE D 30 3.11 29.65 -2.83
CA ILE D 30 2.82 28.74 -3.93
C ILE D 30 2.60 29.46 -5.24
N GLN D 31 2.25 30.75 -5.20
CA GLN D 31 2.08 31.45 -6.47
C GLN D 31 3.40 31.61 -7.22
N GLY D 32 4.54 31.33 -6.57
CA GLY D 32 5.80 31.30 -7.31
C GLY D 32 5.89 30.06 -8.21
N ILE D 33 4.96 29.12 -8.05
CA ILE D 33 4.79 27.94 -8.90
C ILE D 33 3.89 28.46 -10.01
N THR D 34 4.52 29.00 -11.02
CA THR D 34 3.82 29.76 -12.04
C THR D 34 3.02 28.87 -12.98
N LYS D 35 2.11 29.54 -13.68
CA LYS D 35 1.28 28.94 -14.71
C LYS D 35 2.05 28.19 -15.79
N PRO D 36 3.07 28.76 -16.44
CA PRO D 36 3.80 27.99 -17.46
C PRO D 36 4.48 26.74 -16.92
N ALA D 37 4.93 26.71 -15.66
CA ALA D 37 5.53 25.49 -15.15
C ALA D 37 4.47 24.40 -15.01
N ILE D 38 3.27 24.77 -14.57
CA ILE D 38 2.19 23.81 -14.46
C ILE D 38 1.81 23.33 -15.84
N ARG D 39 1.86 24.24 -16.82
CA ARG D 39 1.57 23.85 -18.19
C ARG D 39 2.58 22.82 -18.65
N ARG D 40 3.86 23.05 -18.35
CA ARG D 40 4.90 22.11 -18.74
C ARG D 40 4.64 20.74 -18.13
N LEU D 41 4.27 20.71 -16.85
CA LEU D 41 3.97 19.45 -16.19
C LEU D 41 2.81 18.74 -16.86
N ALA D 42 1.78 19.50 -17.23
CA ALA D 42 0.64 18.92 -17.91
C ALA D 42 1.06 18.37 -19.27
N ARG D 43 1.97 19.07 -19.94
CA ARG D 43 2.51 18.59 -21.21
C ARG D 43 3.22 17.26 -21.03
N ARG D 44 4.01 17.13 -19.97
CA ARG D 44 4.66 15.85 -19.73
C ARG D 44 3.64 14.75 -19.47
N GLY D 45 2.52 15.10 -18.86
CA GLY D 45 1.41 14.18 -18.68
C GLY D 45 0.60 13.86 -19.92
N GLY D 46 0.92 14.47 -21.04
CA GLY D 46 0.26 14.21 -22.30
C GLY D 46 -1.01 15.00 -22.52
N VAL D 47 -1.21 16.05 -21.77
CA VAL D 47 -2.39 16.90 -21.82
C VAL D 47 -2.20 17.98 -22.87
N LYS D 48 -3.19 18.14 -23.74
CA LYS D 48 -3.11 19.11 -24.82
C LYS D 48 -3.76 20.45 -24.52
N ARG D 49 -4.85 20.50 -23.77
CA ARG D 49 -5.54 21.76 -23.53
C ARG D 49 -5.96 21.86 -22.08
N ILE D 50 -5.85 23.06 -21.48
CA ILE D 50 -6.01 23.25 -20.05
C ILE D 50 -6.89 24.45 -19.72
N SER D 51 -7.94 24.22 -18.94
CA SER D 51 -8.82 25.25 -18.43
C SER D 51 -8.10 26.18 -17.46
N GLY D 52 -8.54 27.43 -17.44
CA GLY D 52 -7.94 28.42 -16.56
C GLY D 52 -8.08 28.15 -15.07
N LEU D 53 -9.11 27.42 -14.66
CA LEU D 53 -9.32 27.12 -13.25
C LEU D 53 -8.47 25.98 -12.68
N ILE D 54 -7.78 25.21 -13.52
CA ILE D 54 -6.97 24.09 -13.07
C ILE D 54 -5.84 24.52 -12.15
N TYR D 55 -5.23 25.66 -12.42
CA TYR D 55 -4.00 26.04 -11.74
C TYR D 55 -4.16 26.16 -10.22
N GLU D 56 -5.19 26.86 -9.76
CA GLU D 56 -5.36 26.97 -8.31
C GLU D 56 -5.65 25.63 -7.67
N GLU D 57 -6.43 24.77 -8.33
CA GLU D 57 -6.71 23.48 -7.72
C GLU D 57 -5.43 22.68 -7.62
N THR D 58 -4.61 22.72 -8.67
CA THR D 58 -3.36 21.99 -8.65
C THR D 58 -2.48 22.50 -7.54
N ARG D 59 -2.48 23.81 -7.33
CA ARG D 59 -1.64 24.38 -6.30
C ARG D 59 -2.07 23.85 -4.94
N GLY D 60 -3.39 23.82 -4.72
CA GLY D 60 -3.89 23.29 -3.45
C GLY D 60 -3.53 21.84 -3.27
N VAL D 61 -3.68 21.05 -4.34
CA VAL D 61 -3.36 19.64 -4.27
C VAL D 61 -1.89 19.46 -3.94
N LEU D 62 -1.04 20.25 -4.58
CA LEU D 62 0.38 20.14 -4.34
C LEU D 62 0.68 20.50 -2.91
N LYS D 63 0.05 21.56 -2.42
CA LYS D 63 0.33 22.00 -1.07
C LYS D 63 -0.03 20.91 -0.05
N VAL D 64 -1.16 20.22 -0.28
CA VAL D 64 -1.56 19.16 0.64
C VAL D 64 -0.54 18.05 0.66
N PHE D 65 -0.12 17.61 -0.53
CA PHE D 65 0.86 16.54 -0.63
C PHE D 65 2.11 16.92 0.13
N LEU D 66 2.58 18.13 -0.14
CA LEU D 66 3.80 18.60 0.48
C LEU D 66 3.67 18.63 1.99
N GLU D 67 2.58 19.23 2.48
CA GLU D 67 2.36 19.30 3.93
C GLU D 67 2.52 17.95 4.62
N ASN D 68 1.85 16.91 4.08
CA ASN D 68 1.92 15.61 4.75
C ASN D 68 3.34 15.07 4.74
N VAL D 69 4.03 15.20 3.61
CA VAL D 69 5.39 14.70 3.54
C VAL D 69 6.27 15.46 4.48
N ILE D 70 6.22 16.79 4.43
CA ILE D 70 7.10 17.54 5.28
C ILE D 70 6.81 17.25 6.72
N ARG D 71 5.52 17.08 7.06
CA ARG D 71 5.15 16.77 8.44
C ARG D 71 5.87 15.53 8.93
N ASP D 72 5.85 14.47 8.11
CA ASP D 72 6.49 13.24 8.52
C ASP D 72 8.00 13.40 8.53
N ALA D 73 8.55 14.10 7.53
CA ALA D 73 9.99 14.31 7.52
C ALA D 73 10.43 15.03 8.77
N VAL D 74 9.69 16.05 9.17
CA VAL D 74 10.09 16.79 10.34
C VAL D 74 9.94 15.95 11.58
N THR D 75 8.94 15.07 11.59
CA THR D 75 8.79 14.18 12.73
C THR D 75 10.00 13.26 12.88
N TYR D 76 10.53 12.73 11.76
CA TYR D 76 11.73 11.91 11.87
C TYR D 76 12.88 12.75 12.36
N THR D 77 12.94 13.98 11.86
CA THR D 77 13.98 14.91 12.26
C THR D 77 13.91 15.12 13.76
N GLU D 78 12.71 15.39 14.26
CA GLU D 78 12.56 15.66 15.67
C GLU D 78 12.96 14.45 16.51
N HIS D 79 12.66 13.24 16.04
CA HIS D 79 13.00 12.05 16.82
C HIS D 79 14.51 11.94 17.08
N ALA D 80 15.33 12.28 16.11
CA ALA D 80 16.78 12.16 16.22
C ALA D 80 17.43 13.33 16.95
N LYS D 81 16.65 14.33 17.36
CA LYS D 81 17.18 15.49 18.06
C LYS D 81 18.16 16.23 17.16
N ARG D 82 17.77 16.36 15.91
CA ARG D 82 18.55 17.01 14.86
C ARG D 82 17.77 18.22 14.39
N LYS D 83 18.49 19.23 13.93
CA LYS D 83 17.88 20.43 13.37
C LYS D 83 18.08 20.53 11.87
N THR D 84 18.53 19.47 11.22
CA THR D 84 18.73 19.47 9.78
C THR D 84 17.97 18.29 9.20
N VAL D 85 17.04 18.59 8.30
CA VAL D 85 16.29 17.57 7.59
C VAL D 85 17.16 16.99 6.49
N THR D 86 17.35 15.69 6.52
CA THR D 86 18.17 15.03 5.52
C THR D 86 17.28 14.47 4.42
N ALA D 87 17.93 14.09 3.33
CA ALA D 87 17.25 13.43 2.23
C ALA D 87 16.58 12.12 2.64
N MET D 88 17.21 11.40 3.58
CA MET D 88 16.67 10.11 4.00
C MET D 88 15.34 10.27 4.75
N ASP D 89 15.19 11.35 5.52
CA ASP D 89 13.93 11.59 6.20
C ASP D 89 12.80 11.72 5.18
N VAL D 90 13.08 12.41 4.08
CA VAL D 90 12.10 12.57 3.03
C VAL D 90 11.78 11.24 2.38
N VAL D 91 12.81 10.46 2.05
CA VAL D 91 12.58 9.16 1.42
C VAL D 91 11.67 8.30 2.30
N TYR D 92 11.92 8.25 3.61
CA TYR D 92 11.08 7.43 4.49
C TYR D 92 9.65 7.99 4.57
N ALA D 93 9.51 9.31 4.68
CA ALA D 93 8.19 9.93 4.70
C ALA D 93 7.42 9.58 3.44
N LEU D 94 8.10 9.57 2.31
CA LEU D 94 7.49 9.24 1.03
C LEU D 94 7.13 7.78 1.02
N LYS D 95 7.98 6.95 1.60
CA LYS D 95 7.76 5.51 1.64
C LYS D 95 6.46 5.19 2.36
N ARG D 96 6.19 5.84 3.49
CA ARG D 96 4.97 5.47 4.23
C ARG D 96 3.70 5.89 3.49
N GLN D 97 3.79 6.82 2.55
CA GLN D 97 2.66 7.20 1.71
C GLN D 97 2.60 6.38 0.41
N GLY D 98 3.39 5.32 0.31
CA GLY D 98 3.37 4.50 -0.89
C GLY D 98 3.96 5.17 -2.10
N ARG D 99 4.93 6.07 -1.92
CA ARG D 99 5.58 6.76 -3.01
C ARG D 99 7.09 6.67 -2.88
N THR D 100 7.56 5.44 -2.71
CA THR D 100 8.99 5.14 -2.58
C THR D 100 9.81 5.86 -3.63
N LEU D 101 10.88 6.54 -3.20
CA LEU D 101 11.75 7.27 -4.11
C LEU D 101 13.14 6.67 -4.10
N TYR D 102 13.63 6.38 -5.30
CA TYR D 102 14.97 5.85 -5.55
C TYR D 102 15.92 6.93 -6.06
N GLY D 103 17.18 6.82 -5.69
CA GLY D 103 18.22 7.68 -6.21
C GLY D 103 18.84 8.65 -5.24
N PHE D 104 18.35 8.73 -4.01
CA PHE D 104 18.84 9.68 -3.03
C PHE D 104 19.35 8.98 -1.79
N GLY D 105 19.67 7.70 -1.93
CA GLY D 105 20.23 6.92 -0.85
C GLY D 105 19.22 6.10 -0.09
N GLY D 106 19.64 4.86 0.22
CA GLY D 106 18.75 3.79 0.73
C GLY D 106 17.82 3.26 -0.35
N ARG E 15 8.56 -11.16 50.25
CA ARG E 15 7.64 -11.53 49.19
C ARG E 15 6.36 -10.72 49.30
N ALA E 16 6.42 -9.47 48.88
CA ALA E 16 5.24 -8.62 48.90
C ALA E 16 4.17 -9.17 47.96
N LYS E 17 2.94 -8.71 48.16
CA LYS E 17 1.81 -9.32 47.46
C LYS E 17 1.79 -8.90 45.99
N ALA E 18 1.22 -9.78 45.17
CA ALA E 18 1.30 -9.65 43.71
C ALA E 18 0.46 -8.48 43.23
N LYS E 19 1.11 -7.44 42.74
CA LYS E 19 0.43 -6.36 42.01
C LYS E 19 0.81 -6.38 40.53
N THR E 20 -0.23 -6.33 39.70
CA THR E 20 -0.07 -6.31 38.25
C THR E 20 0.36 -4.93 37.78
N ARG E 21 0.99 -4.92 36.62
CA ARG E 21 1.45 -3.70 35.94
C ARG E 21 0.28 -2.88 35.40
N SER E 22 -0.78 -3.54 34.95
CA SER E 22 -1.98 -2.85 34.48
C SER E 22 -2.61 -1.96 35.54
N SER E 23 -2.83 -2.51 36.74
CA SER E 23 -3.41 -1.72 37.81
C SER E 23 -2.48 -0.58 38.22
N ARG E 24 -1.18 -0.84 38.21
CA ARG E 24 -0.21 0.21 38.49
C ARG E 24 -0.30 1.32 37.45
N ALA E 25 -0.59 0.98 36.20
CA ALA E 25 -0.72 1.97 35.16
C ALA E 25 -2.12 2.55 35.08
N GLY E 26 -3.07 1.96 35.81
CA GLY E 26 -4.44 2.42 35.79
C GLY E 26 -5.15 2.03 34.51
N LEU E 27 -4.71 0.94 33.89
CA LEU E 27 -5.21 0.47 32.62
C LEU E 27 -5.93 -0.85 32.80
N GLN E 28 -6.73 -1.21 31.81
CA GLN E 28 -7.37 -2.50 31.77
C GLN E 28 -6.63 -3.50 30.88
N PHE E 29 -5.98 -3.05 29.81
CA PHE E 29 -5.25 -3.95 28.94
C PHE E 29 -4.01 -4.54 29.59
N PRO E 30 -3.60 -5.76 29.19
CA PRO E 30 -2.50 -6.47 29.85
C PRO E 30 -1.14 -6.01 29.36
N VAL E 31 -0.45 -5.25 30.21
CA VAL E 31 0.86 -4.74 29.86
C VAL E 31 1.85 -5.87 29.66
N GLY E 32 1.83 -6.84 30.59
CA GLY E 32 2.73 -7.98 30.52
C GLY E 32 2.64 -8.77 29.22
N ARG E 33 1.43 -9.05 28.75
CA ARG E 33 1.27 -9.78 27.49
C ARG E 33 1.83 -8.98 26.33
N VAL E 34 1.58 -7.68 26.31
CA VAL E 34 2.12 -6.85 25.24
C VAL E 34 3.64 -6.91 25.26
N HIS E 35 4.24 -6.88 26.45
CA HIS E 35 5.70 -6.98 26.57
C HIS E 35 6.20 -8.30 26.00
N ARG E 36 5.53 -9.39 26.34
CA ARG E 36 5.92 -10.70 25.80
C ARG E 36 5.81 -10.70 24.28
N LEU E 37 4.74 -10.11 23.74
CA LEU E 37 4.55 -10.06 22.29
C LEU E 37 5.61 -9.19 21.62
N LEU E 38 6.07 -8.14 22.27
CA LEU E 38 7.15 -7.37 21.66
C LEU E 38 8.44 -8.18 21.64
N ARG E 39 8.78 -8.85 22.75
CA ARG E 39 10.00 -9.66 22.72
C ARG E 39 9.89 -10.74 21.65
N LYS E 40 8.73 -11.39 21.58
CA LYS E 40 8.48 -12.48 20.65
C LYS E 40 7.85 -11.87 19.41
N GLY E 41 8.65 -11.73 18.37
CA GLY E 41 8.20 -11.18 17.11
C GLY E 41 9.26 -10.43 16.33
N ASN E 42 10.49 -10.46 16.84
CA ASN E 42 11.66 -9.83 16.22
C ASN E 42 11.48 -8.35 15.87
N TYR E 43 11.05 -7.56 16.86
CA TYR E 43 10.88 -6.13 16.68
C TYR E 43 12.11 -5.35 17.12
N SER E 44 12.73 -5.76 18.23
CA SER E 44 13.95 -5.15 18.72
C SER E 44 14.61 -6.17 19.61
N GLU E 45 15.91 -6.01 19.88
CA GLU E 45 16.55 -6.95 20.76
C GLU E 45 16.08 -6.83 22.20
N ARG E 46 15.87 -5.60 22.65
CA ARG E 46 15.44 -5.30 24.00
C ARG E 46 14.26 -4.32 23.95
N VAL E 47 13.43 -4.34 24.98
CA VAL E 47 12.24 -3.51 25.05
C VAL E 47 12.16 -2.80 26.38
N GLY E 48 12.06 -1.48 26.33
CA GLY E 48 11.95 -0.71 27.55
C GLY E 48 10.62 -0.92 28.26
N ALA E 49 10.67 -0.63 29.56
CA ALA E 49 9.53 -0.81 30.45
C ALA E 49 8.35 0.08 30.11
N GLY E 50 8.59 1.30 29.62
CA GLY E 50 7.48 2.18 29.32
C GLY E 50 6.76 1.92 28.02
N ALA E 51 7.42 1.29 27.06
CA ALA E 51 6.79 1.06 25.76
C ALA E 51 5.47 0.30 25.85
N PRO E 52 5.37 -0.85 26.51
CA PRO E 52 4.09 -1.55 26.56
C PRO E 52 3.01 -0.81 27.33
N VAL E 53 3.36 0.04 28.29
CA VAL E 53 2.34 0.80 29.01
C VAL E 53 1.72 1.81 28.05
N TYR E 54 2.56 2.53 27.34
CA TYR E 54 2.11 3.54 26.38
C TYR E 54 1.25 2.91 25.30
N LEU E 55 1.74 1.80 24.74
CA LEU E 55 1.01 1.11 23.70
C LEU E 55 -0.34 0.60 24.19
N ALA E 56 -0.37 -0.01 25.38
CA ALA E 56 -1.62 -0.50 25.94
C ALA E 56 -2.61 0.63 26.14
N ALA E 57 -2.12 1.79 26.58
CA ALA E 57 -3.01 2.93 26.78
C ALA E 57 -3.61 3.40 25.46
N VAL E 58 -2.79 3.40 24.40
CA VAL E 58 -3.29 3.83 23.10
C VAL E 58 -4.34 2.87 22.56
N LEU E 59 -4.07 1.57 22.68
CA LEU E 59 -5.03 0.57 22.21
C LEU E 59 -6.33 0.62 22.98
N GLU E 60 -6.25 0.86 24.29
CA GLU E 60 -7.44 0.93 25.11
C GLU E 60 -8.27 2.15 24.73
N TYR E 61 -7.61 3.30 24.54
CA TYR E 61 -8.31 4.52 24.13
C TYR E 61 -9.06 4.31 22.82
N LEU E 62 -8.37 3.74 21.81
CA LEU E 62 -9.03 3.56 20.52
C LEU E 62 -10.20 2.61 20.61
N THR E 63 -10.06 1.55 21.41
CA THR E 63 -11.19 0.65 21.64
C THR E 63 -12.36 1.39 22.26
N ALA E 64 -12.09 2.25 23.25
CA ALA E 64 -13.18 2.98 23.88
C ALA E 64 -13.87 3.90 22.89
N GLU E 65 -13.12 4.48 21.96
CA GLU E 65 -13.73 5.39 20.99
C GLU E 65 -14.63 4.64 20.01
N ILE E 66 -14.15 3.51 19.52
CA ILE E 66 -14.95 2.72 18.60
C ILE E 66 -16.19 2.20 19.29
N LEU E 67 -16.05 1.65 20.50
CA LEU E 67 -17.20 1.13 21.21
C LEU E 67 -18.20 2.25 21.52
N GLU E 68 -17.71 3.45 21.81
CA GLU E 68 -18.57 4.60 22.06
C GLU E 68 -19.45 4.91 20.85
N LEU E 69 -18.82 5.04 19.68
CA LEU E 69 -19.58 5.35 18.47
C LEU E 69 -20.51 4.21 18.11
N ALA E 70 -20.07 2.98 18.34
CA ALA E 70 -20.89 1.84 18.01
C ALA E 70 -22.10 1.73 18.94
N GLY E 71 -21.94 2.06 20.21
CA GLY E 71 -23.09 2.09 21.11
C GLY E 71 -24.07 3.19 20.75
N ASN E 72 -23.56 4.32 20.25
CA ASN E 72 -24.49 5.35 19.79
C ASN E 72 -25.30 4.85 18.59
N ALA E 73 -24.63 4.17 17.66
CA ALA E 73 -25.34 3.62 16.52
C ALA E 73 -26.31 2.53 16.93
N ALA E 74 -25.95 1.78 17.97
CA ALA E 74 -26.82 0.75 18.49
C ALA E 74 -28.10 1.37 19.01
N ARG E 75 -27.96 2.40 19.85
CA ARG E 75 -29.15 3.06 20.37
C ARG E 75 -29.99 3.63 19.25
N ASP E 76 -29.36 4.15 18.18
CA ASP E 76 -30.12 4.66 17.06
C ASP E 76 -31.00 3.58 16.44
N ASN E 77 -30.54 2.33 16.38
CA ASN E 77 -31.38 1.28 15.81
C ASN E 77 -32.18 0.52 16.87
N LYS E 78 -32.24 1.04 18.10
CA LYS E 78 -32.99 0.45 19.20
C LYS E 78 -32.52 -0.97 19.51
N LYS E 79 -31.23 -1.22 19.34
CA LYS E 79 -30.63 -2.51 19.61
C LYS E 79 -29.71 -2.33 20.80
N THR E 80 -29.75 -3.26 21.73
CA THR E 80 -28.85 -3.21 22.88
C THR E 80 -27.54 -3.94 22.64
N ARG E 81 -27.44 -4.75 21.58
CA ARG E 81 -26.22 -5.48 21.31
C ARG E 81 -25.56 -4.91 20.05
N ILE E 82 -24.27 -4.63 20.17
CA ILE E 82 -23.44 -4.19 19.05
C ILE E 82 -23.16 -5.33 18.11
N ILE E 83 -23.41 -5.11 16.83
CA ILE E 83 -23.09 -6.08 15.79
C ILE E 83 -22.12 -5.42 14.81
N PRO E 84 -21.47 -6.17 13.91
CA PRO E 84 -20.50 -5.58 12.96
C PRO E 84 -20.99 -4.39 12.15
N ARG E 85 -22.26 -4.40 11.77
CA ARG E 85 -22.87 -3.30 11.04
C ARG E 85 -22.64 -1.96 11.73
N HIS E 86 -22.88 -1.91 13.04
CA HIS E 86 -22.67 -0.70 13.81
C HIS E 86 -21.21 -0.26 13.77
N LEU E 87 -20.28 -1.22 13.77
CA LEU E 87 -18.87 -0.87 13.69
C LEU E 87 -18.54 -0.25 12.35
N GLN E 88 -19.14 -0.75 11.28
CA GLN E 88 -18.87 -0.16 9.97
C GLN E 88 -19.44 1.25 9.90
N LEU E 89 -20.67 1.44 10.38
CA LEU E 89 -21.26 2.77 10.39
C LEU E 89 -20.42 3.75 11.20
N ALA E 90 -19.97 3.32 12.37
CA ALA E 90 -19.12 4.14 13.22
C ALA E 90 -17.84 4.54 12.51
N ILE E 91 -17.16 3.59 11.89
CA ILE E 91 -15.90 3.89 11.23
C ILE E 91 -16.10 4.83 10.05
N ARG E 92 -17.03 4.53 9.16
CA ARG E 92 -17.16 5.35 7.94
C ARG E 92 -17.73 6.73 8.21
N ASN E 93 -18.47 6.92 9.29
CA ASN E 93 -18.98 8.25 9.61
C ASN E 93 -17.98 9.11 10.37
N ASP E 94 -16.82 8.58 10.74
CA ASP E 94 -15.79 9.33 11.44
C ASP E 94 -14.62 9.49 10.49
N GLU E 95 -14.34 10.74 10.13
CA GLU E 95 -13.30 11.08 9.15
C GLU E 95 -11.94 10.48 9.50
N GLU E 96 -11.55 10.54 10.76
CA GLU E 96 -10.21 10.08 11.14
C GLU E 96 -10.14 8.57 11.15
N LEU E 97 -11.18 7.90 11.60
CA LEU E 97 -11.17 6.45 11.57
C LEU E 97 -11.26 5.95 10.14
N ASN E 98 -12.02 6.66 9.30
CA ASN E 98 -12.12 6.30 7.89
C ASN E 98 -10.78 6.41 7.22
N LYS E 99 -10.02 7.45 7.54
CA LYS E 99 -8.68 7.59 6.98
C LYS E 99 -7.79 6.44 7.45
N LEU E 100 -7.75 6.18 8.76
CA LEU E 100 -6.95 5.09 9.27
C LEU E 100 -7.32 3.74 8.65
N LEU E 101 -8.60 3.48 8.47
CA LEU E 101 -9.09 2.21 7.94
C LEU E 101 -9.65 2.34 6.53
N GLY E 102 -9.05 3.21 5.72
CA GLY E 102 -9.56 3.44 4.37
C GLY E 102 -9.47 2.27 3.43
N ARG E 103 -8.48 1.40 3.59
CA ARG E 103 -8.27 0.24 2.75
C ARG E 103 -8.55 -1.06 3.51
N VAL E 104 -9.49 -1.01 4.45
CA VAL E 104 -9.78 -2.14 5.30
C VAL E 104 -11.23 -2.55 5.04
N THR E 105 -11.44 -3.86 4.96
CA THR E 105 -12.77 -4.43 4.78
C THR E 105 -13.27 -5.03 6.08
N ILE E 106 -14.43 -4.57 6.53
CA ILE E 106 -15.09 -5.09 7.72
C ILE E 106 -16.07 -6.16 7.29
N ALA E 107 -15.76 -7.42 7.59
CA ALA E 107 -16.64 -8.51 7.22
C ALA E 107 -18.03 -8.29 7.81
N GLN E 108 -19.04 -8.56 7.00
CA GLN E 108 -20.44 -8.36 7.35
C GLN E 108 -20.70 -6.90 7.74
N GLY E 109 -19.90 -5.98 7.21
CA GLY E 109 -20.07 -4.58 7.51
C GLY E 109 -21.00 -3.83 6.59
N GLY E 110 -21.05 -4.25 5.34
CA GLY E 110 -21.82 -3.51 4.40
C GLY E 110 -21.22 -2.16 4.08
N VAL E 111 -22.09 -1.28 3.60
CA VAL E 111 -21.76 0.08 3.19
C VAL E 111 -22.75 1.05 3.80
N LEU E 112 -22.41 2.32 3.73
CA LEU E 112 -23.24 3.40 4.19
C LEU E 112 -24.43 3.62 3.25
N PRO E 113 -25.63 3.93 3.78
CA PRO E 113 -26.73 4.30 2.88
C PRO E 113 -26.40 5.56 2.10
N ASN E 114 -25.58 5.41 1.06
CA ASN E 114 -25.15 6.54 0.24
C ASN E 114 -25.59 6.32 -1.20
N ILE E 115 -26.50 7.17 -1.66
CA ILE E 115 -27.00 7.19 -3.02
C ILE E 115 -26.53 8.50 -3.60
N GLN E 116 -25.95 8.47 -4.79
CA GLN E 116 -25.51 9.74 -5.37
C GLN E 116 -26.75 10.59 -5.65
N ALA E 117 -26.73 11.80 -5.15
CA ALA E 117 -27.85 12.73 -5.26
C ALA E 117 -28.46 12.90 -6.66
N VAL E 118 -27.69 12.98 -7.74
CA VAL E 118 -28.35 13.22 -9.02
C VAL E 118 -29.19 12.10 -9.64
N LEU E 119 -29.06 10.84 -9.24
CA LEU E 119 -29.95 9.84 -9.87
C LEU E 119 -31.26 9.63 -9.14
N LEU E 120 -31.37 10.06 -7.90
CA LEU E 120 -32.58 9.86 -7.15
C LEU E 120 -33.65 10.83 -7.62
N PRO E 121 -34.92 10.49 -7.47
CA PRO E 121 -35.96 10.90 -8.42
C PRO E 121 -36.13 12.41 -8.48
N LYS E 122 -36.74 12.82 -9.59
CA LYS E 122 -36.90 14.23 -9.94
C LYS E 122 -37.86 14.95 -9.00
N LYS E 123 -37.60 16.26 -8.87
CA LYS E 123 -38.22 17.10 -7.85
C LYS E 123 -39.59 17.64 -8.29
N THR E 124 -39.73 18.02 -9.56
CA THR E 124 -41.04 18.51 -10.05
C THR E 124 -41.92 17.30 -10.40
N GLU E 125 -42.18 16.48 -9.37
CA GLU E 125 -42.91 15.22 -9.53
C GLU E 125 -44.06 14.82 -8.59
N ARG F 33 -6.17 -36.06 27.13
CA ARG F 33 -6.14 -34.83 27.91
C ARG F 33 -5.92 -33.59 27.03
N LYS F 34 -5.65 -33.80 25.74
CA LYS F 34 -5.13 -32.74 24.89
C LYS F 34 -6.04 -31.52 24.89
N ARG F 35 -5.46 -30.34 25.07
CA ARG F 35 -6.19 -29.09 24.86
C ARG F 35 -5.20 -27.94 24.76
N SER F 36 -5.22 -27.23 23.64
CA SER F 36 -4.37 -26.08 23.41
C SER F 36 -5.00 -24.83 24.05
N ARG F 37 -4.51 -23.64 23.67
CA ARG F 37 -4.79 -22.43 24.41
C ARG F 37 -4.59 -21.24 23.47
N LYS F 38 -5.70 -20.58 23.11
CA LYS F 38 -5.71 -19.48 22.15
C LYS F 38 -6.13 -18.19 22.83
N GLU F 39 -5.21 -17.24 22.80
CA GLU F 39 -5.35 -15.91 23.39
C GLU F 39 -6.10 -14.92 22.53
N SER F 40 -6.80 -13.99 23.20
CA SER F 40 -7.47 -12.89 22.55
C SER F 40 -7.55 -11.73 23.54
N TYR F 41 -7.95 -10.58 23.03
CA TYR F 41 -8.19 -9.37 23.79
C TYR F 41 -9.64 -9.24 24.29
N SER F 42 -10.44 -10.30 24.11
CA SER F 42 -11.87 -10.29 24.44
C SER F 42 -12.21 -9.74 25.82
N ILE F 43 -11.58 -10.26 26.86
CA ILE F 43 -11.95 -9.85 28.22
C ILE F 43 -11.65 -8.37 28.45
N TYR F 44 -10.60 -7.85 27.81
CA TYR F 44 -10.25 -6.45 28.03
C TYR F 44 -11.17 -5.53 27.25
N VAL F 45 -11.56 -5.94 26.04
CA VAL F 45 -12.52 -5.16 25.27
C VAL F 45 -13.84 -5.09 26.03
N TYR F 46 -14.24 -6.23 26.62
CA TYR F 46 -15.50 -6.25 27.36
C TYR F 46 -15.44 -5.37 28.60
N LYS F 47 -14.29 -5.35 29.28
CA LYS F 47 -14.14 -4.45 30.43
C LYS F 47 -14.25 -3.00 30.01
N VAL F 48 -13.59 -2.64 28.91
CA VAL F 48 -13.66 -1.25 28.46
C VAL F 48 -15.08 -0.89 28.05
N LEU F 49 -15.75 -1.79 27.33
CA LEU F 49 -17.14 -1.56 26.96
C LEU F 49 -18.02 -1.32 28.18
N LYS F 50 -17.84 -2.12 29.23
CA LYS F 50 -18.64 -1.95 30.45
C LYS F 50 -18.29 -0.64 31.15
N GLN F 51 -17.07 -0.16 30.95
CA GLN F 51 -16.70 1.13 31.53
C GLN F 51 -17.38 2.27 30.77
N VAL F 52 -17.40 2.19 29.44
CA VAL F 52 -17.97 3.28 28.64
C VAL F 52 -19.50 3.22 28.51
N HIS F 53 -20.08 2.02 28.40
CA HIS F 53 -21.53 1.84 28.26
C HIS F 53 -21.96 0.66 29.12
N PRO F 54 -22.23 0.88 30.42
CA PRO F 54 -22.54 -0.25 31.31
C PRO F 54 -23.68 -1.14 30.84
N ASP F 55 -24.69 -0.55 30.18
CA ASP F 55 -25.87 -1.29 29.75
C ASP F 55 -25.80 -1.55 28.25
N THR F 56 -24.93 -2.49 27.86
CA THR F 56 -24.74 -2.83 26.47
C THR F 56 -23.86 -4.05 26.34
N GLY F 57 -24.21 -4.94 25.41
CA GLY F 57 -23.43 -6.12 25.12
C GLY F 57 -22.70 -6.00 23.79
N ILE F 58 -22.18 -7.14 23.33
CA ILE F 58 -21.46 -7.18 22.07
C ILE F 58 -21.48 -8.61 21.53
N SER F 59 -21.68 -8.73 20.22
CA SER F 59 -21.70 -10.05 19.59
C SER F 59 -20.27 -10.60 19.49
N SER F 60 -20.18 -11.91 19.26
CA SER F 60 -18.87 -12.55 19.16
C SER F 60 -18.12 -12.11 17.91
N LYS F 61 -18.84 -11.93 16.80
CA LYS F 61 -18.23 -11.44 15.57
C LYS F 61 -17.61 -10.07 15.74
N ALA F 62 -18.32 -9.16 16.40
CA ALA F 62 -17.76 -7.84 16.62
C ALA F 62 -16.53 -7.90 17.49
N MET F 63 -16.54 -8.75 18.50
CA MET F 63 -15.35 -8.89 19.35
C MET F 63 -14.18 -9.40 18.53
N GLY F 64 -14.46 -10.32 17.59
CA GLY F 64 -13.42 -10.79 16.69
C GLY F 64 -12.86 -9.67 15.81
N ILE F 65 -13.74 -8.77 15.36
CA ILE F 65 -13.31 -7.63 14.57
C ILE F 65 -12.44 -6.69 15.39
N MET F 66 -12.80 -6.49 16.65
CA MET F 66 -12.00 -5.64 17.50
C MET F 66 -10.63 -6.26 17.75
N ASN F 67 -10.60 -7.59 17.91
CA ASN F 67 -9.32 -8.26 18.10
C ASN F 67 -8.43 -8.13 16.87
N SER F 68 -9.01 -8.30 15.67
CA SER F 68 -8.27 -8.09 14.44
C SER F 68 -7.74 -6.66 14.36
N PHE F 69 -8.56 -5.68 14.73
CA PHE F 69 -8.16 -4.28 14.72
C PHE F 69 -6.94 -4.08 15.59
N VAL F 70 -7.02 -4.55 16.83
CA VAL F 70 -5.94 -4.40 17.78
C VAL F 70 -4.66 -5.01 17.23
N ASN F 71 -4.73 -6.22 16.69
CA ASN F 71 -3.55 -6.86 16.12
C ASN F 71 -2.94 -6.04 14.99
N ASP F 72 -3.78 -5.47 14.13
CA ASP F 72 -3.29 -4.67 13.00
C ASP F 72 -2.57 -3.43 13.49
N ILE F 73 -3.15 -2.72 14.45
CA ILE F 73 -2.51 -1.51 14.93
C ILE F 73 -1.23 -1.84 15.67
N PHE F 74 -1.21 -2.97 16.35
CA PHE F 74 0.01 -3.41 17.03
C PHE F 74 1.16 -3.55 16.03
N GLU F 75 0.92 -4.34 14.97
CA GLU F 75 1.98 -4.56 13.97
C GLU F 75 2.41 -3.26 13.29
N ARG F 76 1.44 -2.41 12.92
CA ARG F 76 1.80 -1.15 12.27
C ARG F 76 2.71 -0.31 13.15
N ILE F 77 2.36 -0.16 14.43
CA ILE F 77 3.16 0.68 15.31
C ILE F 77 4.52 0.04 15.55
N ALA F 78 4.57 -1.24 15.88
CA ALA F 78 5.86 -1.86 16.17
C ALA F 78 6.78 -1.84 14.95
N GLY F 79 6.23 -2.11 13.77
CA GLY F 79 7.02 -2.06 12.54
C GLY F 79 7.59 -0.69 12.25
N GLU F 80 6.78 0.35 12.44
CA GLU F 80 7.29 1.69 12.22
C GLU F 80 8.37 2.03 13.24
N ALA F 81 8.14 1.67 14.49
CA ALA F 81 9.15 1.90 15.51
C ALA F 81 10.45 1.20 15.18
N SER F 82 10.34 -0.01 14.66
CA SER F 82 11.51 -0.77 14.23
C SER F 82 12.30 -0.04 13.16
N ARG F 83 11.62 0.44 12.11
CA ARG F 83 12.34 1.20 11.09
C ARG F 83 13.01 2.45 11.65
N LEU F 84 12.31 3.23 12.49
CA LEU F 84 12.98 4.41 13.09
C LEU F 84 14.23 4.01 13.84
N ALA F 85 14.14 3.00 14.69
CA ALA F 85 15.31 2.58 15.45
C ALA F 85 16.45 2.18 14.52
N HIS F 86 16.14 1.45 13.44
CA HIS F 86 17.20 1.06 12.51
C HIS F 86 17.83 2.26 11.79
N TYR F 87 17.02 3.21 11.34
CA TYR F 87 17.55 4.39 10.64
C TYR F 87 18.46 5.24 11.51
N ASN F 88 18.24 5.28 12.81
CA ASN F 88 19.04 6.08 13.72
C ASN F 88 20.11 5.27 14.42
N LYS F 89 20.40 4.07 13.91
CA LYS F 89 21.43 3.19 14.46
C LYS F 89 21.19 3.00 15.96
N ARG F 90 19.92 2.79 16.29
CA ARG F 90 19.47 2.64 17.66
C ARG F 90 18.97 1.22 17.86
N SER F 91 19.45 0.56 18.92
CA SER F 91 19.02 -0.81 19.21
C SER F 91 17.86 -0.92 20.19
N THR F 92 17.39 0.18 20.78
CA THR F 92 16.31 0.14 21.76
C THR F 92 15.08 0.86 21.28
N ILE F 93 13.94 0.23 21.51
CA ILE F 93 12.64 0.86 21.30
C ILE F 93 12.16 1.37 22.66
N THR F 94 12.02 2.69 22.78
CA THR F 94 11.54 3.35 23.99
C THR F 94 10.18 3.98 23.73
N SER F 95 9.64 4.62 24.76
CA SER F 95 8.38 5.34 24.62
C SER F 95 8.46 6.48 23.61
N ARG F 96 9.67 6.96 23.33
CA ARG F 96 9.87 8.04 22.37
C ARG F 96 9.57 7.55 20.96
N GLU F 97 10.03 6.35 20.63
CA GLU F 97 9.78 5.80 19.31
C GLU F 97 8.30 5.52 19.12
N ILE F 98 7.63 5.06 20.17
CA ILE F 98 6.19 4.83 20.08
C ILE F 98 5.47 6.13 19.83
N GLN F 99 5.84 7.18 20.58
CA GLN F 99 5.21 8.49 20.43
C GLN F 99 5.37 9.00 19.01
N THR F 100 6.58 8.92 18.49
CA THR F 100 6.84 9.37 17.12
C THR F 100 6.04 8.55 16.12
N ALA F 101 6.03 7.24 16.28
CA ALA F 101 5.26 6.38 15.39
C ALA F 101 3.79 6.75 15.39
N VAL F 102 3.24 7.02 16.57
CA VAL F 102 1.84 7.43 16.70
C VAL F 102 1.58 8.74 15.97
N ARG F 103 2.48 9.71 16.12
CA ARG F 103 2.29 10.99 15.44
C ARG F 103 2.32 10.82 13.93
N LEU F 104 3.13 9.89 13.44
CA LEU F 104 3.17 9.64 12.01
C LEU F 104 1.95 8.92 11.48
N LEU F 105 1.44 7.94 12.24
CA LEU F 105 0.40 7.11 11.65
C LEU F 105 -0.99 7.69 11.86
N LEU F 106 -1.27 8.25 13.00
CA LEU F 106 -2.59 8.76 13.28
C LEU F 106 -2.72 10.24 12.96
N PRO F 107 -3.88 10.71 12.47
CA PRO F 107 -4.06 12.15 12.22
C PRO F 107 -4.49 12.96 13.44
N GLY F 108 -4.21 14.25 13.34
CA GLY F 108 -4.55 15.31 14.29
C GLY F 108 -4.95 15.11 15.74
N GLU F 109 -6.23 15.34 16.05
CA GLU F 109 -6.67 15.28 17.44
C GLU F 109 -6.64 13.86 18.00
N LEU F 110 -6.77 12.85 17.14
CA LEU F 110 -6.73 11.49 17.65
C LEU F 110 -5.36 11.21 18.20
N ALA F 111 -4.35 11.67 17.49
CA ALA F 111 -2.98 11.50 17.90
C ALA F 111 -2.70 12.29 19.15
N LYS F 112 -3.19 13.52 19.21
CA LYS F 112 -2.95 14.31 20.41
C LYS F 112 -3.57 13.70 21.66
N HIS F 113 -4.80 13.18 21.58
CA HIS F 113 -5.40 12.61 22.79
C HIS F 113 -4.72 11.30 23.17
N ALA F 114 -4.39 10.47 22.18
CA ALA F 114 -3.69 9.22 22.46
C ALA F 114 -2.32 9.45 23.09
N VAL F 115 -1.59 10.40 22.55
CA VAL F 115 -0.27 10.71 23.09
C VAL F 115 -0.42 11.18 24.54
N SER F 116 -1.44 12.01 24.81
CA SER F 116 -1.68 12.47 26.18
C SER F 116 -1.97 11.32 27.13
N GLU F 117 -2.72 10.32 26.67
CA GLU F 117 -3.02 9.17 27.51
C GLU F 117 -1.77 8.35 27.76
N GLY F 118 -0.97 8.13 26.74
CA GLY F 118 0.26 7.38 26.94
C GLY F 118 1.20 8.10 27.88
N THR F 119 1.36 9.42 27.72
CA THR F 119 2.23 10.18 28.60
C THR F 119 1.74 10.09 30.04
N LYS F 120 0.46 10.33 30.27
CA LYS F 120 -0.10 10.25 31.61
C LYS F 120 0.08 8.85 32.21
N ALA F 121 -0.06 7.81 31.39
CA ALA F 121 0.11 6.44 31.88
C ALA F 121 1.55 6.16 32.28
N VAL F 122 2.52 6.63 31.48
CA VAL F 122 3.92 6.41 31.81
C VAL F 122 4.29 7.19 33.07
N THR F 123 3.79 8.42 33.22
CA THR F 123 4.11 9.18 34.44
C THR F 123 3.49 8.51 35.66
N LYS F 124 2.29 7.93 35.52
CA LYS F 124 1.71 7.21 36.64
C LYS F 124 2.51 5.95 36.97
N TYR F 125 3.00 5.24 35.94
CA TYR F 125 3.78 4.05 36.20
C TYR F 125 5.09 4.39 36.91
N THR F 126 5.79 5.43 36.44
CA THR F 126 7.07 5.82 37.03
C THR F 126 6.93 6.37 38.44
N SER F 127 5.79 6.98 38.78
CA SER F 127 5.60 7.50 40.13
C SER F 127 5.35 6.41 41.16
N ALA F 128 4.55 5.40 40.82
CA ALA F 128 4.04 4.44 41.80
C ALA F 128 4.86 3.17 41.86
N LYS F 129 6.20 3.31 41.72
CA LYS F 129 7.17 2.22 42.08
C LYS F 129 7.22 2.03 43.59
N LYS G 41 -56.25 -3.90 -15.87
CA LYS G 41 -54.87 -4.02 -16.34
C LYS G 41 -53.91 -3.99 -15.15
N PRO G 42 -52.79 -4.70 -15.22
CA PRO G 42 -51.90 -4.74 -14.05
C PRO G 42 -51.26 -3.39 -13.78
N HIS G 43 -51.10 -3.12 -12.49
CA HIS G 43 -50.48 -1.87 -12.04
C HIS G 43 -49.03 -1.97 -12.48
N ARG G 44 -48.44 -0.85 -12.90
CA ARG G 44 -47.07 -0.88 -13.42
C ARG G 44 -46.28 0.35 -13.04
N TYR G 45 -45.17 0.11 -12.35
CA TYR G 45 -44.21 1.14 -11.95
C TYR G 45 -43.30 1.53 -13.11
N ARG G 46 -42.93 2.79 -13.14
CA ARG G 46 -42.02 3.28 -14.16
C ARG G 46 -40.60 2.77 -13.93
N PRO G 47 -39.80 2.64 -14.99
CA PRO G 47 -38.40 2.21 -14.83
C PRO G 47 -37.56 3.13 -13.95
N GLY G 48 -36.93 2.53 -12.92
CA GLY G 48 -36.09 3.23 -11.97
C GLY G 48 -36.58 3.24 -10.52
N THR G 49 -37.89 3.27 -10.30
CA THR G 49 -38.41 3.33 -8.94
C THR G 49 -38.05 2.10 -8.10
N VAL G 50 -38.25 0.90 -8.64
CA VAL G 50 -37.95 -0.31 -7.87
C VAL G 50 -36.45 -0.50 -7.75
N ALA G 51 -35.70 -0.12 -8.79
CA ALA G 51 -34.26 -0.19 -8.69
C ALA G 51 -33.84 0.60 -7.47
N LEU G 52 -34.40 1.79 -7.29
CA LEU G 52 -34.13 2.57 -6.10
C LEU G 52 -34.58 1.84 -4.84
N ARG G 53 -35.72 1.13 -4.89
CA ARG G 53 -36.12 0.38 -3.70
C ARG G 53 -35.11 -0.70 -3.37
N GLU G 54 -34.53 -1.31 -4.40
CA GLU G 54 -33.53 -2.34 -4.18
C GLU G 54 -32.27 -1.73 -3.63
N ILE G 55 -31.91 -0.52 -4.09
CA ILE G 55 -30.74 0.15 -3.52
C ILE G 55 -30.93 0.36 -2.03
N ARG G 56 -32.05 0.97 -1.64
CA ARG G 56 -32.28 1.21 -0.22
C ARG G 56 -32.33 -0.09 0.60
N ARG G 57 -32.97 -1.12 0.06
CA ARG G 57 -33.09 -2.39 0.78
C ARG G 57 -31.71 -3.03 0.97
N TYR G 58 -30.92 -3.15 -0.09
CA TYR G 58 -29.66 -3.86 0.06
C TYR G 58 -28.63 -3.01 0.78
N GLN G 59 -28.77 -1.68 0.76
CA GLN G 59 -27.84 -0.87 1.53
C GLN G 59 -28.22 -0.85 3.00
N LYS G 60 -29.44 -1.27 3.32
CA LYS G 60 -29.83 -1.32 4.72
C LYS G 60 -29.38 -2.63 5.36
N SER G 61 -29.26 -3.69 4.57
CA SER G 61 -28.96 -5.02 5.08
C SER G 61 -27.50 -5.37 4.79
N THR G 62 -27.05 -6.49 5.37
CA THR G 62 -25.68 -6.96 5.27
C THR G 62 -25.52 -8.38 4.79
N GLU G 63 -26.60 -9.08 4.50
CA GLU G 63 -26.50 -10.47 4.07
C GLU G 63 -25.73 -10.58 2.76
N LEU G 64 -25.08 -11.73 2.60
CA LEU G 64 -24.30 -12.01 1.41
C LEU G 64 -25.19 -12.13 0.19
N LEU G 65 -24.75 -11.52 -0.91
CA LEU G 65 -25.61 -11.48 -2.08
C LEU G 65 -25.28 -12.53 -3.13
N ILE G 66 -24.09 -13.15 -3.08
CA ILE G 66 -23.73 -14.24 -3.98
C ILE G 66 -24.00 -15.59 -3.35
N ARG G 67 -24.48 -16.52 -4.17
CA ARG G 67 -24.76 -17.86 -3.74
C ARG G 67 -23.51 -18.61 -3.29
N LYS G 68 -23.63 -19.33 -2.18
CA LYS G 68 -22.49 -19.99 -1.56
C LYS G 68 -21.90 -21.09 -2.45
N LEU G 69 -22.75 -21.99 -2.94
CA LEU G 69 -22.28 -23.17 -3.68
C LEU G 69 -21.57 -22.87 -4.99
N PRO G 70 -22.11 -22.05 -5.91
CA PRO G 70 -21.34 -21.71 -7.11
C PRO G 70 -20.02 -21.07 -6.81
N PHE G 71 -19.94 -20.30 -5.74
CA PHE G 71 -18.68 -19.67 -5.39
C PHE G 71 -17.68 -20.74 -4.95
N GLN G 72 -18.13 -21.70 -4.14
CA GLN G 72 -17.26 -22.81 -3.74
C GLN G 72 -16.72 -23.56 -4.94
N ARG G 73 -17.59 -23.85 -5.90
CA ARG G 73 -17.16 -24.56 -7.10
C ARG G 73 -16.18 -23.77 -7.95
N LEU G 74 -16.37 -22.45 -8.03
CA LEU G 74 -15.44 -21.62 -8.78
C LEU G 74 -14.06 -21.67 -8.13
N VAL G 75 -14.04 -21.54 -6.80
CA VAL G 75 -12.80 -21.57 -6.03
C VAL G 75 -12.09 -22.90 -6.21
N ARG G 76 -12.82 -24.00 -6.12
CA ARG G 76 -12.19 -25.30 -6.24
C ARG G 76 -11.59 -25.51 -7.61
N GLU G 77 -12.25 -25.03 -8.67
CA GLU G 77 -11.68 -25.16 -10.01
C GLU G 77 -10.39 -24.39 -10.16
N ILE G 78 -10.41 -23.14 -9.71
CA ILE G 78 -9.21 -22.32 -9.85
C ILE G 78 -8.08 -22.93 -9.04
N ALA G 79 -8.35 -23.32 -7.80
CA ALA G 79 -7.32 -23.95 -6.99
C ALA G 79 -6.81 -25.23 -7.66
N GLN G 80 -7.71 -26.00 -8.27
CA GLN G 80 -7.29 -27.22 -8.96
C GLN G 80 -6.27 -26.91 -10.05
N ASP G 81 -6.38 -25.75 -10.70
CA ASP G 81 -5.35 -25.46 -11.71
C ASP G 81 -3.98 -25.11 -11.11
N PHE G 82 -3.89 -24.78 -9.82
CA PHE G 82 -2.58 -24.59 -9.20
C PHE G 82 -2.06 -25.84 -8.48
N LYS G 83 -2.89 -26.44 -7.64
CA LYS G 83 -2.54 -27.66 -6.92
C LYS G 83 -3.75 -28.58 -6.81
N THR G 84 -3.50 -29.87 -6.99
CA THR G 84 -4.54 -30.88 -7.02
C THR G 84 -4.98 -31.34 -5.62
N ASP G 85 -6.22 -31.79 -5.57
CA ASP G 85 -6.88 -32.38 -4.39
C ASP G 85 -6.82 -31.48 -3.16
N LEU G 86 -6.87 -30.18 -3.35
CA LEU G 86 -6.89 -29.26 -2.22
C LEU G 86 -8.25 -29.32 -1.55
N ARG G 87 -8.26 -29.04 -0.25
CA ARG G 87 -9.50 -28.89 0.49
C ARG G 87 -9.64 -27.45 0.94
N PHE G 88 -10.86 -27.08 1.36
CA PHE G 88 -11.09 -25.71 1.81
C PHE G 88 -11.94 -25.70 3.07
N GLN G 89 -11.56 -24.86 4.03
CA GLN G 89 -12.42 -24.60 5.17
C GLN G 89 -13.56 -23.68 4.78
N SER G 90 -14.72 -23.89 5.40
CA SER G 90 -15.89 -23.08 5.07
C SER G 90 -15.65 -21.59 5.36
N SER G 91 -14.93 -21.29 6.43
CA SER G 91 -14.66 -19.89 6.75
C SER G 91 -13.70 -19.25 5.76
N ALA G 92 -12.89 -20.05 5.07
CA ALA G 92 -12.02 -19.49 4.04
C ALA G 92 -12.86 -19.03 2.87
N VAL G 93 -13.88 -19.81 2.54
CA VAL G 93 -14.77 -19.47 1.45
C VAL G 93 -15.58 -18.24 1.81
N MET G 94 -16.04 -18.14 3.05
CA MET G 94 -16.80 -16.96 3.43
C MET G 94 -15.92 -15.72 3.40
N ALA G 95 -14.67 -15.84 3.84
CA ALA G 95 -13.73 -14.71 3.77
C ALA G 95 -13.53 -14.26 2.33
N LEU G 96 -13.36 -15.22 1.42
CA LEU G 96 -13.19 -14.88 0.02
C LEU G 96 -14.42 -14.21 -0.54
N GLN G 97 -15.60 -14.64 -0.08
CA GLN G 97 -16.83 -14.06 -0.57
C GLN G 97 -16.96 -12.62 -0.11
N GLU G 98 -16.66 -12.36 1.16
CA GLU G 98 -16.69 -11.00 1.67
C GLU G 98 -15.71 -10.10 0.93
N ALA G 99 -14.50 -10.60 0.68
CA ALA G 99 -13.51 -9.82 -0.04
C ALA G 99 -13.97 -9.52 -1.45
N CYS G 100 -14.50 -10.53 -2.14
CA CYS G 100 -14.95 -10.34 -3.51
C CYS G 100 -16.06 -9.29 -3.57
N GLU G 101 -17.04 -9.40 -2.69
CA GLU G 101 -18.17 -8.47 -2.76
C GLU G 101 -17.74 -7.06 -2.38
N ALA G 102 -16.87 -6.90 -1.38
CA ALA G 102 -16.41 -5.55 -1.05
C ALA G 102 -15.61 -4.94 -2.19
N TYR G 103 -14.85 -5.77 -2.89
CA TYR G 103 -14.06 -5.28 -4.01
C TYR G 103 -14.98 -4.84 -5.14
N LEU G 104 -15.96 -5.67 -5.48
CA LEU G 104 -16.90 -5.35 -6.55
C LEU G 104 -17.75 -4.12 -6.24
N VAL G 105 -18.28 -4.00 -5.01
CA VAL G 105 -19.04 -2.80 -4.67
C VAL G 105 -18.16 -1.57 -4.83
N GLY G 106 -16.92 -1.61 -4.34
CA GLY G 106 -16.07 -0.45 -4.51
C GLY G 106 -15.82 -0.12 -5.96
N LEU G 107 -15.63 -1.14 -6.79
CA LEU G 107 -15.44 -0.90 -8.21
C LEU G 107 -16.68 -0.34 -8.88
N PHE G 108 -17.87 -0.81 -8.48
CA PHE G 108 -19.09 -0.27 -9.06
C PHE G 108 -19.33 1.17 -8.63
N GLU G 109 -18.89 1.54 -7.43
CA GLU G 109 -19.00 2.93 -7.00
C GLU G 109 -18.14 3.83 -7.87
N ASP G 110 -16.89 3.41 -8.11
CA ASP G 110 -16.02 4.20 -8.94
C ASP G 110 -16.53 4.24 -10.38
N THR G 111 -17.01 3.11 -10.87
CA THR G 111 -17.62 3.04 -12.18
C THR G 111 -18.79 4.00 -12.32
N ASN G 112 -19.65 4.06 -11.31
CA ASN G 112 -20.80 4.96 -11.38
C ASN G 112 -20.36 6.41 -11.43
N LEU G 113 -19.31 6.75 -10.69
CA LEU G 113 -18.84 8.13 -10.74
C LEU G 113 -18.27 8.44 -12.11
N CYS G 114 -17.63 7.45 -12.73
CA CYS G 114 -17.12 7.67 -14.07
C CYS G 114 -18.24 7.84 -15.08
N ALA G 115 -19.32 7.06 -14.93
CA ALA G 115 -20.45 7.19 -15.84
C ALA G 115 -21.13 8.55 -15.69
N ILE G 116 -21.40 8.96 -14.45
CA ILE G 116 -22.03 10.26 -14.18
C ILE G 116 -21.16 11.38 -14.72
N HIS G 117 -19.85 11.22 -14.60
CA HIS G 117 -18.92 12.22 -15.12
C HIS G 117 -19.10 12.45 -16.60
N ALA G 118 -19.38 11.39 -17.37
CA ALA G 118 -19.64 11.48 -18.80
C ALA G 118 -21.07 11.91 -19.13
N LYS G 119 -21.79 12.49 -18.16
CA LYS G 119 -23.17 12.92 -18.35
C LYS G 119 -24.05 11.75 -18.74
N ARG G 120 -23.72 10.56 -18.26
CA ARG G 120 -24.50 9.37 -18.51
C ARG G 120 -24.99 8.82 -17.18
N VAL G 121 -25.97 7.93 -17.25
CA VAL G 121 -26.46 7.20 -16.08
C VAL G 121 -26.30 5.70 -16.24
N THR G 122 -25.81 5.25 -17.39
CA THR G 122 -25.64 3.84 -17.68
C THR G 122 -24.14 3.54 -17.64
N ILE G 123 -23.75 2.58 -16.85
CA ILE G 123 -22.36 2.18 -16.77
C ILE G 123 -22.04 1.26 -17.93
N MET G 124 -20.83 1.39 -18.47
CA MET G 124 -20.40 0.61 -19.62
C MET G 124 -19.02 0.04 -19.32
N PRO G 125 -18.58 -0.98 -20.05
CA PRO G 125 -17.25 -1.56 -19.82
C PRO G 125 -16.11 -0.57 -19.77
N LYS G 126 -16.17 0.46 -20.62
CA LYS G 126 -15.12 1.47 -20.61
C LYS G 126 -15.03 2.20 -19.28
N ASP G 127 -16.14 2.30 -18.56
CA ASP G 127 -16.08 2.92 -17.23
C ASP G 127 -15.32 2.05 -16.25
N ILE G 128 -15.58 0.75 -16.26
CA ILE G 128 -14.86 -0.19 -15.41
C ILE G 128 -13.38 -0.21 -15.76
N GLN G 129 -13.06 -0.22 -17.06
CA GLN G 129 -11.66 -0.26 -17.47
C GLN G 129 -10.94 0.98 -17.00
N LEU G 130 -11.63 2.11 -17.01
CA LEU G 130 -11.02 3.34 -16.55
C LEU G 130 -10.76 3.27 -15.06
N ALA G 131 -11.76 2.85 -14.30
CA ALA G 131 -11.60 2.75 -12.84
C ALA G 131 -10.46 1.81 -12.45
N ARG G 132 -10.36 0.67 -13.12
CA ARG G 132 -9.29 -0.28 -12.80
C ARG G 132 -7.94 0.23 -13.23
N ARG G 133 -7.88 0.92 -14.37
CA ARG G 133 -6.62 1.50 -14.81
C ARG G 133 -6.14 2.55 -13.83
N ILE G 134 -7.03 3.41 -13.32
CA ILE G 134 -6.57 4.43 -12.38
C ILE G 134 -6.15 3.83 -11.06
N ARG G 135 -6.81 2.78 -10.59
CA ARG G 135 -6.30 2.16 -9.36
C ARG G 135 -4.98 1.44 -9.58
N GLY G 136 -4.60 1.18 -10.82
CA GLY G 136 -3.41 0.43 -11.17
C GLY G 136 -3.65 -1.05 -11.26
N GLU G 137 -4.91 -1.47 -11.38
CA GLU G 137 -5.31 -2.87 -11.53
C GLU G 137 -5.24 -3.17 -13.03
N ARG G 138 -4.03 -3.53 -13.47
CA ARG G 138 -3.69 -3.39 -14.89
C ARG G 138 -4.07 -4.61 -15.71
N ALA G 139 -4.06 -5.81 -15.07
CA ALA G 139 -4.55 -7.11 -15.69
C ALA G 139 -4.40 -7.33 -17.22
N VAL H 25 -27.48 -29.12 -18.36
CA VAL H 25 -26.02 -29.11 -18.43
C VAL H 25 -25.48 -27.84 -17.79
N LEU H 26 -24.31 -27.96 -17.19
CA LEU H 26 -23.67 -26.86 -16.50
C LEU H 26 -22.86 -26.02 -17.49
N ARG H 27 -22.32 -24.88 -17.03
CA ARG H 27 -22.04 -23.75 -17.90
C ARG H 27 -20.63 -23.20 -17.72
N ASP H 28 -19.60 -24.06 -17.63
CA ASP H 28 -18.18 -23.68 -17.46
C ASP H 28 -17.89 -23.13 -16.05
N ASN H 29 -18.92 -23.01 -15.23
CA ASN H 29 -19.00 -22.92 -13.79
C ASN H 29 -18.74 -21.51 -13.29
N ILE H 30 -18.19 -20.65 -14.16
CA ILE H 30 -18.03 -19.24 -13.87
C ILE H 30 -19.37 -18.52 -13.87
N GLN H 31 -20.32 -19.08 -14.61
CA GLN H 31 -21.69 -18.65 -14.79
C GLN H 31 -22.57 -18.81 -13.56
N GLY H 32 -22.10 -19.51 -12.53
CA GLY H 32 -22.89 -19.56 -11.32
C GLY H 32 -22.93 -18.23 -10.58
N ILE H 33 -22.08 -17.29 -10.97
CA ILE H 33 -22.14 -15.94 -10.45
C ILE H 33 -23.10 -15.29 -11.42
N THR H 34 -24.39 -15.44 -11.13
CA THR H 34 -25.43 -15.11 -12.07
C THR H 34 -25.61 -13.60 -12.25
N LYS H 35 -26.30 -13.28 -13.34
CA LYS H 35 -26.68 -11.90 -13.64
C LYS H 35 -27.41 -11.21 -12.50
N PRO H 36 -28.46 -11.77 -11.90
CA PRO H 36 -29.11 -11.07 -10.78
C PRO H 36 -28.23 -10.83 -9.58
N ALA H 37 -27.26 -11.70 -9.29
CA ALA H 37 -26.38 -11.43 -8.16
C ALA H 37 -25.49 -10.22 -8.46
N ILE H 38 -25.01 -10.11 -9.70
CA ILE H 38 -24.19 -8.98 -10.08
C ILE H 38 -25.02 -7.72 -10.06
N ARG H 39 -26.28 -7.82 -10.51
CA ARG H 39 -27.20 -6.70 -10.46
C ARG H 39 -27.38 -6.24 -9.01
N ARG H 40 -27.55 -7.17 -8.08
CA ARG H 40 -27.71 -6.83 -6.67
C ARG H 40 -26.47 -6.11 -6.15
N LEU H 41 -25.29 -6.61 -6.49
CA LEU H 41 -24.06 -5.96 -6.08
C LEU H 41 -23.97 -4.55 -6.64
N ALA H 42 -24.37 -4.36 -7.88
CA ALA H 42 -24.35 -3.03 -8.47
C ALA H 42 -25.34 -2.12 -7.74
N ARG H 43 -26.48 -2.68 -7.33
CA ARG H 43 -27.44 -1.94 -6.54
C ARG H 43 -26.84 -1.49 -5.21
N ARG H 44 -26.08 -2.37 -4.55
CA ARG H 44 -25.42 -1.94 -3.32
C ARG H 44 -24.44 -0.83 -3.59
N GLY H 45 -23.82 -0.83 -4.76
CA GLY H 45 -22.97 0.25 -5.21
C GLY H 45 -23.66 1.51 -5.65
N GLY H 46 -24.98 1.53 -5.61
CA GLY H 46 -25.74 2.71 -5.98
C GLY H 46 -25.98 2.82 -7.47
N VAL H 47 -25.81 1.73 -8.20
CA VAL H 47 -25.98 1.72 -9.65
C VAL H 47 -27.44 1.46 -9.96
N LYS H 48 -28.02 2.30 -10.81
CA LYS H 48 -29.42 2.22 -11.19
C LYS H 48 -29.69 1.49 -12.49
N ARG H 49 -28.83 1.63 -13.49
CA ARG H 49 -29.08 1.03 -14.78
C ARG H 49 -27.79 0.40 -15.28
N ILE H 50 -27.89 -0.79 -15.89
CA ILE H 50 -26.72 -1.58 -16.24
C ILE H 50 -26.81 -2.10 -17.66
N SER H 51 -25.80 -1.81 -18.47
CA SER H 51 -25.70 -2.35 -19.80
C SER H 51 -25.51 -3.86 -19.77
N GLY H 52 -26.01 -4.53 -20.81
CA GLY H 52 -25.89 -5.97 -20.90
C GLY H 52 -24.47 -6.51 -21.02
N LEU H 53 -23.54 -5.69 -21.51
CA LEU H 53 -22.15 -6.11 -21.67
C LEU H 53 -21.31 -6.05 -20.40
N ILE H 54 -21.82 -5.45 -19.33
CA ILE H 54 -21.07 -5.35 -18.08
C ILE H 54 -20.74 -6.70 -17.47
N TYR H 55 -21.68 -7.65 -17.58
CA TYR H 55 -21.57 -8.91 -16.85
C TYR H 55 -20.34 -9.70 -17.24
N GLU H 56 -20.05 -9.85 -18.53
CA GLU H 56 -18.88 -10.61 -18.91
C GLU H 56 -17.60 -9.94 -18.44
N GLU H 57 -17.54 -8.61 -18.50
CA GLU H 57 -16.35 -7.94 -18.05
C GLU H 57 -16.17 -8.16 -16.56
N THR H 58 -17.28 -8.05 -15.83
CA THR H 58 -17.22 -8.23 -14.39
C THR H 58 -16.75 -9.63 -14.04
N ARG H 59 -17.19 -10.63 -14.80
CA ARG H 59 -16.77 -11.99 -14.50
C ARG H 59 -15.27 -12.13 -14.66
N GLY H 60 -14.72 -11.54 -15.72
CA GLY H 60 -13.29 -11.61 -15.92
C GLY H 60 -12.56 -10.90 -14.82
N VAL H 61 -13.06 -9.75 -14.40
CA VAL H 61 -12.44 -8.98 -13.34
C VAL H 61 -12.42 -9.80 -12.06
N LEU H 62 -13.55 -10.46 -11.77
CA LEU H 62 -13.61 -11.24 -10.56
C LEU H 62 -12.63 -12.40 -10.63
N LYS H 63 -12.56 -13.04 -11.79
CA LYS H 63 -11.66 -14.18 -11.93
C LYS H 63 -10.21 -13.78 -11.69
N VAL H 64 -9.82 -12.61 -12.20
CA VAL H 64 -8.45 -12.18 -12.00
C VAL H 64 -8.17 -11.98 -10.52
N PHE H 65 -9.08 -11.28 -9.84
CA PHE H 65 -8.91 -11.04 -8.42
C PHE H 65 -8.78 -12.36 -7.68
N LEU H 66 -9.71 -13.27 -7.95
CA LEU H 66 -9.72 -14.55 -7.26
C LEU H 66 -8.45 -15.31 -7.53
N GLU H 67 -8.07 -15.41 -8.81
CA GLU H 67 -6.84 -16.10 -9.20
C GLU H 67 -5.65 -15.63 -8.38
N ASN H 68 -5.46 -14.32 -8.27
CA ASN H 68 -4.29 -13.84 -7.53
C ASN H 68 -4.35 -14.22 -6.06
N VAL H 69 -5.53 -14.08 -5.44
CA VAL H 69 -5.65 -14.37 -4.02
C VAL H 69 -5.43 -15.84 -3.73
N ILE H 70 -6.10 -16.71 -4.47
CA ILE H 70 -5.97 -18.13 -4.19
C ILE H 70 -4.53 -18.56 -4.43
N ARG H 71 -3.88 -17.99 -5.45
CA ARG H 71 -2.49 -18.37 -5.71
C ARG H 71 -1.65 -18.13 -4.48
N ASP H 72 -1.82 -16.96 -3.87
CA ASP H 72 -1.02 -16.68 -2.70
C ASP H 72 -1.47 -17.54 -1.55
N ALA H 73 -2.77 -17.74 -1.40
CA ALA H 73 -3.26 -18.61 -0.33
C ALA H 73 -2.66 -20.00 -0.45
N VAL H 74 -2.63 -20.53 -1.67
CA VAL H 74 -2.08 -21.87 -1.84
C VAL H 74 -0.60 -21.88 -1.58
N THR H 75 0.10 -20.79 -1.91
CA THR H 75 1.52 -20.72 -1.61
C THR H 75 1.75 -20.82 -0.11
N TYR H 76 0.92 -20.14 0.68
CA TYR H 76 1.04 -20.22 2.13
C TYR H 76 0.76 -21.65 2.58
N THR H 77 -0.20 -22.31 1.93
CA THR H 77 -0.52 -23.69 2.25
C THR H 77 0.68 -24.58 2.02
N GLU H 78 1.30 -24.46 0.85
CA GLU H 78 2.41 -25.34 0.50
C GLU H 78 3.58 -25.17 1.45
N HIS H 79 3.88 -23.94 1.85
CA HIS H 79 5.00 -23.71 2.74
C HIS H 79 4.80 -24.39 4.09
N ALA H 80 3.58 -24.41 4.60
CA ALA H 80 3.30 -25.04 5.89
C ALA H 80 3.21 -26.55 5.81
N LYS H 81 3.26 -27.13 4.61
CA LYS H 81 3.15 -28.56 4.41
C LYS H 81 1.79 -29.06 4.87
N ARG H 82 0.77 -28.27 4.58
CA ARG H 82 -0.61 -28.55 4.96
C ARG H 82 -1.41 -28.83 3.69
N LYS H 83 -2.45 -29.63 3.84
CA LYS H 83 -3.36 -29.94 2.74
C LYS H 83 -4.71 -29.25 2.87
N THR H 84 -4.91 -28.41 3.89
CA THR H 84 -6.17 -27.74 4.15
C THR H 84 -5.90 -26.24 4.12
N VAL H 85 -6.63 -25.54 3.26
CA VAL H 85 -6.50 -24.09 3.19
C VAL H 85 -7.25 -23.48 4.36
N THR H 86 -6.54 -22.72 5.18
CA THR H 86 -7.12 -22.09 6.35
C THR H 86 -7.50 -20.65 6.05
N ALA H 87 -8.32 -20.09 6.95
CA ALA H 87 -8.70 -18.69 6.88
C ALA H 87 -7.50 -17.75 6.98
N MET H 88 -6.50 -18.15 7.77
CA MET H 88 -5.33 -17.28 7.94
C MET H 88 -4.53 -17.12 6.66
N ASP H 89 -4.42 -18.18 5.84
CA ASP H 89 -3.71 -18.05 4.56
C ASP H 89 -4.38 -17.03 3.67
N VAL H 90 -5.70 -17.04 3.64
CA VAL H 90 -6.45 -16.08 2.84
C VAL H 90 -6.25 -14.68 3.37
N VAL H 91 -6.36 -14.52 4.69
CA VAL H 91 -6.17 -13.22 5.30
C VAL H 91 -4.80 -12.64 4.95
N TYR H 92 -3.74 -13.45 5.03
CA TYR H 92 -2.41 -12.95 4.69
C TYR H 92 -2.30 -12.62 3.21
N ALA H 93 -2.86 -13.47 2.34
CA ALA H 93 -2.85 -13.20 0.91
C ALA H 93 -3.54 -11.88 0.62
N LEU H 94 -4.63 -11.61 1.31
CA LEU H 94 -5.37 -10.37 1.12
C LEU H 94 -4.55 -9.20 1.63
N LYS H 95 -3.89 -9.39 2.79
CA LYS H 95 -3.05 -8.35 3.36
C LYS H 95 -2.01 -7.92 2.34
N ARG H 96 -1.35 -8.88 1.70
CA ARG H 96 -0.32 -8.49 0.74
C ARG H 96 -0.89 -7.79 -0.48
N GLN H 97 -2.17 -7.93 -0.78
CA GLN H 97 -2.80 -7.18 -1.86
C GLN H 97 -3.41 -5.86 -1.38
N GLY H 98 -3.08 -5.42 -0.17
CA GLY H 98 -3.62 -4.18 0.32
C GLY H 98 -5.12 -4.18 0.52
N ARG H 99 -5.72 -5.34 0.80
CA ARG H 99 -7.15 -5.46 1.02
C ARG H 99 -7.37 -6.21 2.32
N THR H 100 -6.74 -5.71 3.38
CA THR H 100 -6.82 -6.29 4.72
C THR H 100 -8.25 -6.60 5.08
N LEU H 101 -8.48 -7.82 5.57
CA LEU H 101 -9.79 -8.27 5.97
C LEU H 101 -9.86 -8.55 7.46
N TYR H 102 -10.86 -7.97 8.07
CA TYR H 102 -11.18 -8.11 9.48
C TYR H 102 -12.36 -9.05 9.67
N GLY H 103 -12.33 -9.82 10.76
CA GLY H 103 -13.44 -10.65 11.17
C GLY H 103 -13.26 -12.16 11.11
N PHE H 104 -12.14 -12.67 10.58
CA PHE H 104 -11.96 -14.11 10.42
C PHE H 104 -10.72 -14.60 11.13
N GLY H 105 -10.22 -13.85 12.11
CA GLY H 105 -9.08 -14.26 12.89
C GLY H 105 -7.77 -13.67 12.42
N GLY H 106 -7.05 -13.09 13.40
CA GLY H 106 -5.89 -12.19 13.17
C GLY H 106 -6.27 -10.87 12.54
N ARG I 15 45.04 -24.89 8.22
CA ARG I 15 44.57 -23.58 7.79
C ARG I 15 44.56 -23.51 6.27
N ALA I 16 43.58 -24.16 5.66
CA ALA I 16 43.46 -24.15 4.21
C ALA I 16 43.25 -22.74 3.68
N LYS I 17 43.48 -22.58 2.38
CA LYS I 17 43.50 -21.24 1.81
C LYS I 17 42.11 -20.62 1.78
N ALA I 18 42.08 -19.30 1.89
CA ALA I 18 40.82 -18.58 2.02
C ALA I 18 40.06 -18.55 0.70
N LYS I 19 38.98 -19.31 0.67
CA LYS I 19 37.84 -19.16 -0.22
C LYS I 19 36.66 -18.44 0.40
N THR I 20 35.84 -17.88 -0.51
CA THR I 20 34.61 -17.19 -0.17
C THR I 20 33.42 -17.89 -0.81
N ARG I 21 32.28 -17.65 -0.19
CA ARG I 21 31.01 -18.27 -0.60
C ARG I 21 30.48 -17.81 -1.95
N SER I 22 30.73 -16.57 -2.37
CA SER I 22 30.23 -16.17 -3.69
C SER I 22 30.86 -16.98 -4.80
N SER I 23 32.16 -17.23 -4.69
CA SER I 23 32.87 -18.04 -5.66
C SER I 23 32.42 -19.49 -5.63
N ARG I 24 32.21 -20.03 -4.43
CA ARG I 24 31.75 -21.41 -4.28
C ARG I 24 30.35 -21.59 -4.86
N ALA I 25 29.47 -20.63 -4.62
CA ALA I 25 28.11 -20.67 -5.17
C ALA I 25 28.08 -20.29 -6.64
N GLY I 26 29.19 -19.80 -7.19
CA GLY I 26 29.27 -19.37 -8.58
C GLY I 26 28.57 -18.06 -8.82
N LEU I 27 28.54 -17.19 -7.81
CA LEU I 27 27.85 -15.91 -7.85
C LEU I 27 28.88 -14.80 -7.73
N GLN I 28 28.45 -13.61 -8.13
CA GLN I 28 29.22 -12.39 -7.96
C GLN I 28 28.81 -11.60 -6.74
N PHE I 29 27.53 -11.65 -6.36
CA PHE I 29 27.07 -10.91 -5.21
C PHE I 29 27.61 -11.51 -3.91
N PRO I 30 27.80 -10.67 -2.89
CA PRO I 30 28.46 -11.10 -1.66
C PRO I 30 27.51 -11.82 -0.69
N VAL I 31 27.68 -13.13 -0.58
CA VAL I 31 26.85 -13.93 0.31
C VAL I 31 27.05 -13.53 1.76
N GLY I 32 28.30 -13.36 2.17
CA GLY I 32 28.61 -13.00 3.55
C GLY I 32 27.95 -11.73 4.02
N ARG I 33 28.00 -10.68 3.21
CA ARG I 33 27.37 -9.43 3.58
C ARG I 33 25.86 -9.60 3.72
N VAL I 34 25.23 -10.33 2.81
CA VAL I 34 23.79 -10.57 2.91
C VAL I 34 23.49 -11.31 4.21
N HIS I 35 24.34 -12.27 4.57
CA HIS I 35 24.17 -12.98 5.83
C HIS I 35 24.23 -12.03 7.01
N ARG I 36 25.21 -11.13 7.00
CA ARG I 36 25.30 -10.16 8.09
C ARG I 36 24.08 -9.25 8.13
N LEU I 37 23.61 -8.81 6.96
CA LEU I 37 22.43 -7.96 6.94
C LEU I 37 21.19 -8.69 7.43
N LEU I 38 21.08 -9.99 7.16
CA LEU I 38 19.93 -10.72 7.71
C LEU I 38 20.03 -10.80 9.21
N ARG I 39 21.20 -11.12 9.73
CA ARG I 39 21.33 -11.19 11.18
C ARG I 39 21.01 -9.83 11.80
N LYS I 40 21.53 -8.76 11.19
CA LYS I 40 21.37 -7.40 11.68
C LYS I 40 20.19 -6.78 10.96
N GLY I 41 19.08 -6.66 11.65
CA GLY I 41 17.87 -6.09 11.09
C GLY I 41 16.60 -6.70 11.66
N ASN I 42 16.76 -7.58 12.65
CA ASN I 42 15.67 -8.23 13.34
C ASN I 42 14.66 -8.95 12.44
N TYR I 43 15.18 -9.81 11.57
CA TYR I 43 14.35 -10.61 10.67
C TYR I 43 14.04 -11.97 11.26
N SER I 44 15.03 -12.59 11.88
CA SER I 44 14.82 -13.89 12.51
C SER I 44 15.92 -14.04 13.54
N GLU I 45 15.71 -14.95 14.48
CA GLU I 45 16.74 -15.17 15.48
C GLU I 45 17.99 -15.81 14.91
N ARG I 46 17.80 -16.76 14.00
CA ARG I 46 18.89 -17.50 13.39
C ARG I 46 18.70 -17.49 11.88
N VAL I 47 19.78 -17.68 11.12
CA VAL I 47 19.71 -17.67 9.67
C VAL I 47 20.43 -18.87 9.10
N GLY I 48 19.71 -19.63 8.29
CA GLY I 48 20.27 -20.79 7.65
C GLY I 48 21.30 -20.44 6.58
N ALA I 49 22.16 -21.41 6.31
CA ALA I 49 23.24 -21.23 5.35
C ALA I 49 22.78 -21.02 3.91
N GLY I 50 21.68 -21.66 3.50
CA GLY I 50 21.23 -21.49 2.12
C GLY I 50 20.46 -20.23 1.79
N ALA I 51 19.81 -19.61 2.77
CA ALA I 51 19.01 -18.42 2.50
C ALA I 51 19.78 -17.30 1.80
N PRO I 52 20.94 -16.86 2.29
CA PRO I 52 21.65 -15.78 1.59
C PRO I 52 22.15 -16.15 0.22
N VAL I 53 22.43 -17.42 -0.04
CA VAL I 53 22.87 -17.82 -1.38
C VAL I 53 21.73 -17.65 -2.37
N TYR I 54 20.56 -18.16 -1.99
CA TYR I 54 19.36 -18.10 -2.81
C TYR I 54 19.00 -16.65 -3.09
N LEU I 55 18.97 -15.84 -2.03
CA LEU I 55 18.63 -14.42 -2.16
C LEU I 55 19.63 -13.71 -3.07
N ALA I 56 20.92 -13.97 -2.88
CA ALA I 56 21.94 -13.34 -3.70
C ALA I 56 21.75 -13.71 -5.17
N ALA I 57 21.38 -14.95 -5.43
CA ALA I 57 21.16 -15.40 -6.80
C ALA I 57 19.97 -14.67 -7.42
N VAL I 58 18.92 -14.47 -6.63
CA VAL I 58 17.73 -13.77 -7.14
C VAL I 58 18.08 -12.33 -7.46
N LEU I 59 18.81 -11.67 -6.57
CA LEU I 59 19.22 -10.29 -6.82
C LEU I 59 20.11 -10.20 -8.05
N GLU I 60 20.96 -11.19 -8.27
CA GLU I 60 21.83 -11.16 -9.43
C GLU I 60 21.04 -11.32 -10.71
N TYR I 61 20.09 -12.27 -10.73
CA TYR I 61 19.28 -12.45 -11.92
C TYR I 61 18.51 -11.19 -12.27
N LEU I 62 17.86 -10.58 -11.26
CA LEU I 62 17.06 -9.38 -11.52
C LEU I 62 17.93 -8.21 -11.97
N THR I 63 19.13 -8.08 -11.39
CA THR I 63 20.04 -7.03 -11.80
C THR I 63 20.47 -7.22 -13.24
N ALA I 64 20.77 -8.48 -13.61
CA ALA I 64 21.20 -8.75 -14.98
C ALA I 64 20.08 -8.41 -15.96
N GLU I 65 18.84 -8.73 -15.60
CA GLU I 65 17.71 -8.46 -16.49
C GLU I 65 17.51 -6.97 -16.73
N ILE I 66 17.57 -6.18 -15.66
CA ILE I 66 17.42 -4.73 -15.81
C ILE I 66 18.55 -4.17 -16.66
N LEU I 67 19.79 -4.51 -16.30
CA LEU I 67 20.91 -3.99 -17.07
C LEU I 67 20.84 -4.41 -18.53
N GLU I 68 20.38 -5.63 -18.81
CA GLU I 68 20.21 -6.11 -20.18
C GLU I 68 19.28 -5.20 -20.98
N LEU I 69 18.11 -4.93 -20.42
CA LEU I 69 17.14 -4.09 -21.11
C LEU I 69 17.65 -2.65 -21.24
N ALA I 70 18.28 -2.12 -20.19
CA ALA I 70 18.81 -0.78 -20.28
C ALA I 70 19.91 -0.69 -21.33
N GLY I 71 20.72 -1.74 -21.46
CA GLY I 71 21.75 -1.73 -22.48
C GLY I 71 21.16 -1.73 -23.87
N ASN I 72 20.02 -2.40 -24.03
CA ASN I 72 19.35 -2.41 -25.33
C ASN I 72 18.82 -1.02 -25.65
N ALA I 73 18.22 -0.39 -24.64
CA ALA I 73 17.71 0.97 -24.81
C ALA I 73 18.86 1.93 -25.08
N ALA I 74 20.00 1.70 -24.45
CA ALA I 74 21.18 2.51 -24.67
C ALA I 74 21.66 2.42 -26.10
N ARG I 75 21.67 1.21 -26.67
CA ARG I 75 22.09 1.08 -28.06
C ARG I 75 21.10 1.79 -28.98
N ASP I 76 19.80 1.74 -28.69
CA ASP I 76 18.87 2.46 -29.55
C ASP I 76 19.14 3.97 -29.57
N ASN I 77 19.61 4.56 -28.45
CA ASN I 77 19.91 5.98 -28.42
C ASN I 77 21.35 6.30 -28.82
N LYS I 78 22.11 5.30 -29.29
CA LYS I 78 23.51 5.45 -29.68
C LYS I 78 24.39 6.02 -28.57
N LYS I 79 24.10 5.69 -27.32
CA LYS I 79 24.86 6.13 -26.17
C LYS I 79 25.56 4.90 -25.60
N THR I 80 26.83 5.05 -25.24
CA THR I 80 27.58 3.95 -24.65
C THR I 80 27.45 3.85 -23.14
N ARG I 81 26.97 4.89 -22.46
CA ARG I 81 26.77 4.85 -21.01
C ARG I 81 25.29 4.86 -20.66
N ILE I 82 24.92 3.96 -19.74
CA ILE I 82 23.58 3.88 -19.19
C ILE I 82 23.28 5.03 -18.26
N ILE I 83 22.15 5.70 -18.49
CA ILE I 83 21.67 6.79 -17.64
C ILE I 83 20.29 6.44 -17.08
N PRO I 84 19.78 7.16 -16.07
CA PRO I 84 18.46 6.84 -15.49
C PRO I 84 17.31 6.74 -16.47
N ARG I 85 17.34 7.54 -17.52
CA ARG I 85 16.29 7.51 -18.53
C ARG I 85 16.16 6.12 -19.13
N HIS I 86 17.29 5.48 -19.41
CA HIS I 86 17.28 4.15 -19.99
C HIS I 86 16.70 3.12 -19.03
N LEU I 87 16.90 3.32 -17.73
CA LEU I 87 16.33 2.42 -16.74
C LEU I 87 14.83 2.59 -16.64
N GLN I 88 14.35 3.83 -16.68
CA GLN I 88 12.92 4.05 -16.64
C GLN I 88 12.27 3.41 -17.88
N LEU I 89 12.84 3.68 -19.06
CA LEU I 89 12.32 3.10 -20.29
C LEU I 89 12.28 1.57 -20.23
N ALA I 90 13.35 0.98 -19.71
CA ALA I 90 13.41 -0.48 -19.58
C ALA I 90 12.29 -0.99 -18.67
N ILE I 91 12.10 -0.35 -17.51
CA ILE I 91 11.12 -0.81 -16.54
C ILE I 91 9.71 -0.67 -17.08
N ARG I 92 9.36 0.49 -17.62
CA ARG I 92 7.99 0.70 -18.09
C ARG I 92 7.66 -0.10 -19.33
N ASN I 93 8.65 -0.49 -20.11
CA ASN I 93 8.38 -1.32 -21.27
C ASN I 93 8.34 -2.81 -20.96
N ASP I 94 8.58 -3.20 -19.71
CA ASP I 94 8.49 -4.60 -19.30
C ASP I 94 7.28 -4.76 -18.38
N GLU I 95 6.32 -5.56 -18.84
CA GLU I 95 5.06 -5.78 -18.14
C GLU I 95 5.27 -6.22 -16.70
N GLU I 96 6.22 -7.14 -16.49
CA GLU I 96 6.44 -7.70 -15.16
C GLU I 96 7.18 -6.72 -14.25
N LEU I 97 8.15 -6.00 -14.78
CA LEU I 97 8.85 -5.02 -13.96
C LEU I 97 7.90 -3.87 -13.62
N ASN I 98 7.04 -3.50 -14.56
CA ASN I 98 6.07 -2.45 -14.32
C ASN I 98 5.14 -2.87 -13.20
N LYS I 99 4.73 -4.13 -13.20
CA LYS I 99 3.91 -4.62 -12.09
C LYS I 99 4.68 -4.54 -10.78
N LEU I 100 5.91 -5.09 -10.75
CA LEU I 100 6.70 -5.02 -9.53
C LEU I 100 6.96 -3.59 -9.07
N LEU I 101 7.24 -2.69 -10.00
CA LEU I 101 7.56 -1.30 -9.67
C LEU I 101 6.45 -0.33 -10.08
N GLY I 102 5.19 -0.75 -9.95
CA GLY I 102 4.08 0.08 -10.37
C GLY I 102 3.88 1.34 -9.55
N ARG I 103 4.31 1.33 -8.29
CA ARG I 103 4.14 2.46 -7.37
C ARG I 103 5.49 3.00 -6.89
N VAL I 104 6.52 2.92 -7.73
CA VAL I 104 7.87 3.34 -7.38
C VAL I 104 8.21 4.51 -8.30
N THR I 105 8.87 5.53 -7.77
CA THR I 105 9.32 6.67 -8.57
C THR I 105 10.82 6.59 -8.83
N ILE I 106 11.17 6.60 -10.11
CA ILE I 106 12.56 6.58 -10.57
C ILE I 106 13.02 8.02 -10.77
N ALA I 107 13.89 8.49 -9.88
CA ALA I 107 14.42 9.85 -9.99
C ALA I 107 15.09 10.09 -11.33
N GLN I 108 14.81 11.24 -11.92
CA GLN I 108 15.34 11.62 -13.22
C GLN I 108 14.94 10.62 -14.30
N GLY I 109 13.83 9.91 -14.13
CA GLY I 109 13.38 8.93 -15.10
C GLY I 109 12.48 9.44 -16.21
N GLY I 110 11.68 10.45 -15.90
CA GLY I 110 10.69 10.90 -16.85
C GLY I 110 9.58 9.88 -17.05
N VAL I 111 8.91 10.00 -18.18
CA VAL I 111 7.81 9.12 -18.57
C VAL I 111 8.02 8.61 -19.98
N LEU I 112 7.22 7.62 -20.35
CA LEU I 112 7.27 7.06 -21.68
C LEU I 112 6.65 8.03 -22.71
N PRO I 113 7.23 8.14 -23.92
CA PRO I 113 6.58 8.92 -24.97
C PRO I 113 5.21 8.34 -25.35
N ASN I 114 4.19 8.61 -24.53
CA ASN I 114 2.85 8.09 -24.74
C ASN I 114 1.87 9.24 -24.78
N ILE I 115 1.26 9.46 -25.94
CA ILE I 115 0.25 10.47 -26.17
C ILE I 115 -1.03 9.72 -26.47
N GLN I 116 -2.15 10.09 -25.81
CA GLN I 116 -3.38 9.37 -26.13
C GLN I 116 -3.77 9.67 -27.58
N ALA I 117 -3.95 8.59 -28.33
CA ALA I 117 -4.27 8.62 -29.75
C ALA I 117 -5.39 9.56 -30.21
N VAL I 118 -6.51 9.65 -29.49
CA VAL I 118 -7.59 10.48 -30.03
C VAL I 118 -7.25 11.96 -30.22
N LEU I 119 -6.37 12.52 -29.40
CA LEU I 119 -6.07 13.95 -29.52
C LEU I 119 -4.99 14.29 -30.54
N LEU I 120 -4.20 13.32 -30.99
CA LEU I 120 -3.14 13.67 -31.92
C LEU I 120 -3.77 13.92 -33.29
N PRO I 121 -3.13 14.75 -34.11
CA PRO I 121 -3.88 15.56 -35.06
C PRO I 121 -4.54 14.74 -36.15
N LYS I 122 -5.46 15.40 -36.84
CA LYS I 122 -6.24 14.79 -37.91
C LYS I 122 -5.39 14.04 -38.93
N ARG J 33 42.97 11.79 12.12
CA ARG J 33 42.92 10.43 11.57
C ARG J 33 41.51 9.99 11.20
N LYS J 34 40.50 10.76 11.61
CA LYS J 34 39.12 10.29 11.57
C LYS J 34 38.67 9.97 10.15
N ARG J 35 38.08 8.79 9.96
CA ARG J 35 37.42 8.47 8.71
C ARG J 35 36.49 7.28 8.88
N SER J 36 35.25 7.43 8.42
CA SER J 36 34.22 6.40 8.52
C SER J 36 34.31 5.41 7.37
N ARG J 37 33.26 4.60 7.19
CA ARG J 37 33.28 3.50 6.21
C ARG J 37 31.84 3.20 5.79
N LYS J 38 31.44 3.73 4.65
CA LYS J 38 30.12 3.50 4.05
C LYS J 38 30.13 2.43 2.96
N GLU J 39 29.42 1.33 3.22
CA GLU J 39 29.34 0.21 2.27
C GLU J 39 28.27 0.47 1.21
N SER J 40 28.52 -0.10 0.03
CA SER J 40 27.57 -0.06 -1.08
C SER J 40 27.79 -1.30 -1.93
N TYR J 41 26.83 -1.54 -2.82
CA TYR J 41 26.86 -2.64 -3.77
C TYR J 41 27.50 -2.27 -5.11
N SER J 42 28.07 -1.06 -5.20
CA SER J 42 28.66 -0.54 -6.44
C SER J 42 29.59 -1.51 -7.16
N ILE J 43 30.57 -2.07 -6.45
CA ILE J 43 31.58 -2.92 -7.12
C ILE J 43 30.96 -4.17 -7.71
N TYR J 44 29.92 -4.71 -7.08
CA TYR J 44 29.32 -5.93 -7.61
C TYR J 44 28.44 -5.63 -8.80
N VAL J 45 27.74 -4.51 -8.76
CA VAL J 45 26.94 -4.11 -9.90
C VAL J 45 27.83 -3.87 -11.09
N TYR J 46 28.99 -3.23 -10.87
CA TYR J 46 29.91 -2.96 -11.96
C TYR J 46 30.48 -4.24 -12.55
N LYS J 47 30.77 -5.24 -11.70
CA LYS J 47 31.23 -6.52 -12.23
C LYS J 47 30.16 -7.20 -13.07
N VAL J 48 28.92 -7.18 -12.60
CA VAL J 48 27.85 -7.79 -13.39
C VAL J 48 27.65 -7.05 -14.71
N LEU J 49 27.68 -5.72 -14.69
CA LEU J 49 27.56 -4.94 -15.91
C LEU J 49 28.65 -5.32 -16.92
N LYS J 50 29.89 -5.46 -16.45
CA LYS J 50 30.97 -5.86 -17.35
C LYS J 50 30.80 -7.28 -17.85
N GLN J 51 30.13 -8.13 -17.09
CA GLN J 51 29.87 -9.48 -17.58
C GLN J 51 28.80 -9.45 -18.66
N VAL J 52 27.74 -8.67 -18.48
CA VAL J 52 26.65 -8.64 -19.46
C VAL J 52 26.95 -7.72 -20.65
N HIS J 53 27.61 -6.59 -20.43
CA HIS J 53 27.92 -5.64 -21.51
C HIS J 53 29.32 -5.09 -21.27
N PRO J 54 30.37 -5.81 -21.72
CA PRO J 54 31.75 -5.37 -21.43
C PRO J 54 32.06 -3.94 -21.85
N ASP J 55 31.44 -3.47 -22.93
CA ASP J 55 31.71 -2.13 -23.46
C ASP J 55 30.58 -1.18 -23.08
N THR J 56 30.51 -0.90 -21.77
CA THR J 56 29.50 0.00 -21.23
C THR J 56 29.88 0.38 -19.82
N GLY J 57 29.69 1.67 -19.51
CA GLY J 57 29.93 2.19 -18.19
C GLY J 57 28.62 2.50 -17.50
N ILE J 58 28.71 3.23 -16.39
CA ILE J 58 27.51 3.58 -15.66
C ILE J 58 27.80 4.82 -14.82
N SER J 59 26.85 5.75 -14.78
CA SER J 59 27.02 6.96 -14.00
C SER J 59 26.84 6.66 -12.51
N SER J 60 27.28 7.61 -11.69
CA SER J 60 27.16 7.44 -10.25
C SER J 60 25.72 7.50 -9.76
N LYS J 61 24.92 8.39 -10.33
CA LYS J 61 23.49 8.46 -9.98
C LYS J 61 22.76 7.16 -10.26
N ALA J 62 23.00 6.57 -11.43
CA ALA J 62 22.35 5.31 -11.75
C ALA J 62 22.80 4.21 -10.80
N MET J 63 24.08 4.20 -10.45
CA MET J 63 24.58 3.19 -9.52
C MET J 63 23.88 3.35 -8.17
N GLY J 64 23.68 4.60 -7.75
CA GLY J 64 22.94 4.86 -6.53
C GLY J 64 21.51 4.36 -6.61
N ILE J 65 20.89 4.47 -7.79
CA ILE J 65 19.54 3.96 -7.98
C ILE J 65 19.52 2.44 -7.86
N MET J 66 20.53 1.78 -8.42
CA MET J 66 20.59 0.33 -8.33
C MET J 66 20.81 -0.11 -6.89
N ASN J 67 21.63 0.62 -6.14
CA ASN J 67 21.85 0.28 -4.74
C ASN J 67 20.57 0.43 -3.93
N SER J 68 19.84 1.53 -4.17
CA SER J 68 18.54 1.71 -3.53
C SER J 68 17.59 0.57 -3.86
N PHE J 69 17.59 0.15 -5.12
CA PHE J 69 16.74 -0.95 -5.58
C PHE J 69 17.05 -2.22 -4.80
N VAL J 70 18.32 -2.58 -4.75
CA VAL J 70 18.76 -3.78 -4.05
C VAL J 70 18.33 -3.73 -2.59
N ASN J 71 18.57 -2.60 -1.92
CA ASN J 71 18.15 -2.47 -0.53
C ASN J 71 16.64 -2.66 -0.35
N ASP J 72 15.85 -2.10 -1.28
CA ASP J 72 14.40 -2.25 -1.20
C ASP J 72 13.98 -3.71 -1.33
N ILE J 73 14.49 -4.42 -2.34
CA ILE J 73 14.10 -5.81 -2.53
C ILE J 73 14.57 -6.66 -1.37
N PHE J 74 15.73 -6.33 -0.81
CA PHE J 74 16.23 -7.04 0.37
C PHE J 74 15.23 -6.92 1.51
N GLU J 75 14.84 -5.68 1.84
CA GLU J 75 13.92 -5.45 2.96
C GLU J 75 12.58 -6.14 2.73
N ARG J 76 12.04 -6.04 1.52
CA ARG J 76 10.77 -6.70 1.22
C ARG J 76 10.84 -8.22 1.43
N ILE J 77 11.88 -8.86 0.90
CA ILE J 77 11.96 -10.30 0.99
C ILE J 77 12.19 -10.74 2.43
N ALA J 78 13.12 -10.09 3.13
CA ALA J 78 13.40 -10.51 4.50
C ALA J 78 12.17 -10.31 5.38
N GLY J 79 11.45 -9.19 5.20
CA GLY J 79 10.25 -8.95 5.95
C GLY J 79 9.17 -9.99 5.70
N GLU J 80 8.98 -10.36 4.43
CA GLU J 80 7.99 -11.37 4.12
C GLU J 80 8.37 -12.72 4.69
N ALA J 81 9.65 -13.10 4.57
CA ALA J 81 10.12 -14.35 5.14
C ALA J 81 9.91 -14.38 6.64
N SER J 82 10.15 -13.24 7.30
CA SER J 82 9.92 -13.13 8.73
C SER J 82 8.46 -13.40 9.09
N ARG J 83 7.52 -12.77 8.40
CA ARG J 83 6.11 -13.04 8.70
C ARG J 83 5.77 -14.53 8.47
N LEU J 84 6.20 -15.12 7.35
CA LEU J 84 5.94 -16.56 7.15
C LEU J 84 6.48 -17.38 8.30
N ALA J 85 7.70 -17.11 8.73
CA ALA J 85 8.27 -17.85 9.85
C ALA J 85 7.42 -17.68 11.10
N HIS J 86 7.01 -16.46 11.40
CA HIS J 86 6.18 -16.23 12.58
C HIS J 86 4.84 -16.95 12.49
N TYR J 87 4.17 -16.94 11.33
CA TYR J 87 2.87 -17.60 11.20
C TYR J 87 2.92 -19.11 11.43
N ASN J 88 4.02 -19.76 11.07
CA ASN J 88 4.14 -21.19 11.19
C ASN J 88 4.93 -21.59 12.44
N LYS J 89 5.10 -20.65 13.37
CA LYS J 89 5.77 -20.86 14.64
C LYS J 89 7.15 -21.47 14.47
N ARG J 90 7.88 -20.97 13.47
CA ARG J 90 9.23 -21.44 13.15
C ARG J 90 10.23 -20.33 13.47
N SER J 91 11.32 -20.69 14.15
CA SER J 91 12.35 -19.72 14.49
C SER J 91 13.49 -19.63 13.48
N THR J 92 13.51 -20.46 12.44
CA THR J 92 14.60 -20.46 11.46
C THR J 92 14.09 -20.02 10.10
N ILE J 93 14.86 -19.16 9.45
CA ILE J 93 14.64 -18.78 8.07
C ILE J 93 15.56 -19.63 7.20
N THR J 94 14.98 -20.45 6.33
CA THR J 94 15.72 -21.32 5.43
C THR J 94 15.52 -20.88 3.98
N SER J 95 16.16 -21.61 3.08
CA SER J 95 15.98 -21.34 1.66
C SER J 95 14.54 -21.55 1.22
N ARG J 96 13.77 -22.31 1.98
CA ARG J 96 12.37 -22.54 1.65
C ARG J 96 11.54 -21.27 1.82
N GLU J 97 11.77 -20.54 2.89
CA GLU J 97 11.03 -19.29 3.10
C GLU J 97 11.40 -18.27 2.06
N ILE J 98 12.68 -18.21 1.69
CA ILE J 98 13.09 -17.29 0.64
C ILE J 98 12.36 -17.64 -0.64
N GLN J 99 12.32 -18.93 -0.98
CA GLN J 99 11.67 -19.40 -2.19
C GLN J 99 10.20 -19.01 -2.20
N THR J 100 9.51 -19.28 -1.10
CA THR J 100 8.10 -18.94 -1.00
C THR J 100 7.87 -17.43 -1.14
N ALA J 101 8.67 -16.63 -0.42
CA ALA J 101 8.56 -15.19 -0.53
C ALA J 101 8.76 -14.72 -1.96
N VAL J 102 9.74 -15.30 -2.65
CA VAL J 102 10.01 -14.94 -4.03
C VAL J 102 8.80 -15.24 -4.90
N ARG J 103 8.19 -16.41 -4.70
CA ARG J 103 7.02 -16.76 -5.50
C ARG J 103 5.86 -15.82 -5.22
N LEU J 104 5.74 -15.35 -3.98
CA LEU J 104 4.67 -14.42 -3.66
C LEU J 104 4.91 -13.02 -4.20
N LEU J 105 6.14 -12.52 -4.11
CA LEU J 105 6.35 -11.12 -4.47
C LEU J 105 6.59 -10.92 -5.95
N LEU J 106 7.25 -11.83 -6.57
CA LEU J 106 7.60 -11.60 -7.95
C LEU J 106 6.57 -12.25 -8.87
N PRO J 107 6.27 -11.70 -10.04
CA PRO J 107 5.33 -12.36 -10.94
C PRO J 107 5.97 -13.38 -11.88
N GLY J 108 5.12 -14.29 -12.35
CA GLY J 108 5.40 -15.35 -13.31
C GLY J 108 6.80 -15.82 -13.71
N GLU J 109 7.20 -15.48 -14.94
CA GLU J 109 8.46 -15.97 -15.47
C GLU J 109 9.65 -15.33 -14.78
N LEU J 110 9.49 -14.14 -14.23
CA LEU J 110 10.60 -13.54 -13.50
C LEU J 110 10.91 -14.38 -12.28
N ALA J 111 9.84 -14.82 -11.63
CA ALA J 111 9.96 -15.66 -10.45
C ALA J 111 10.56 -17.01 -10.79
N LYS J 112 10.10 -17.60 -11.90
CA LYS J 112 10.61 -18.91 -12.29
C LYS J 112 12.11 -18.88 -12.60
N HIS J 113 12.57 -17.85 -13.30
CA HIS J 113 13.99 -17.82 -13.63
C HIS J 113 14.84 -17.51 -12.40
N ALA J 114 14.38 -16.56 -11.56
CA ALA J 114 15.11 -16.25 -10.33
C ALA J 114 15.19 -17.45 -9.38
N VAL J 115 14.07 -18.16 -9.23
CA VAL J 115 14.00 -19.34 -8.37
C VAL J 115 14.95 -20.40 -8.89
N SER J 116 14.98 -20.58 -10.20
CA SER J 116 15.88 -21.55 -10.80
C SER J 116 17.33 -21.21 -10.50
N GLU J 117 17.67 -19.93 -10.58
CA GLU J 117 19.04 -19.52 -10.29
C GLU J 117 19.38 -19.78 -8.83
N GLY J 118 18.46 -19.48 -7.93
CA GLY J 118 18.71 -19.73 -6.51
C GLY J 118 18.92 -21.20 -6.22
N THR J 119 18.09 -22.06 -6.81
CA THR J 119 18.26 -23.50 -6.57
C THR J 119 19.60 -23.96 -7.12
N LYS J 120 19.95 -23.52 -8.31
CA LYS J 120 21.25 -23.85 -8.90
C LYS J 120 22.39 -23.41 -7.98
N ALA J 121 22.27 -22.23 -7.38
CA ALA J 121 23.34 -21.70 -6.54
C ALA J 121 23.51 -22.52 -5.27
N VAL J 122 22.39 -22.86 -4.63
CA VAL J 122 22.47 -23.65 -3.41
C VAL J 122 23.02 -25.04 -3.73
N THR J 123 22.66 -25.58 -4.89
CA THR J 123 23.12 -26.91 -5.27
C THR J 123 24.63 -26.90 -5.53
N LYS J 124 25.15 -25.82 -6.13
CA LYS J 124 26.59 -25.77 -6.33
C LYS J 124 27.33 -25.57 -5.01
N TYR J 125 26.74 -24.78 -4.10
CA TYR J 125 27.38 -24.56 -2.82
C TYR J 125 27.46 -25.85 -2.01
N THR J 126 26.34 -26.55 -1.86
CA THR J 126 26.29 -27.79 -1.08
C THR J 126 27.22 -28.87 -1.62
N SER J 127 27.45 -28.91 -2.93
CA SER J 127 28.35 -29.93 -3.51
C SER J 127 29.83 -29.57 -3.41
N ALA J 128 30.19 -28.29 -3.51
CA ALA J 128 31.59 -27.89 -3.52
C ALA J 128 32.11 -27.53 -2.13
N LYS J 129 31.60 -28.25 -1.10
CA LYS J 129 32.20 -28.24 0.26
C LYS J 129 33.55 -28.94 0.25
#